data_6YHZ
#
_entry.id   6YHZ
#
_entity_poly.entity_id   1
_entity_poly.type   'polypeptide(L)'
_entity_poly.pdbx_seq_one_letter_code
;RNLAELHIGQPVVHLEHGVGRYAGMTTLEAGGITGEYLMLTYANDAKLYVPVSSLHLISRYAGGAEENAPLHKLGG
;
_entity_poly.pdbx_strand_id   A
#
# COMPACT_ATOMS: atom_id res chain seq x y z
N ARG A 1 0.69 12.78 0.20
CA ARG A 1 -0.50 11.98 0.55
C ARG A 1 -0.49 11.66 2.04
N ASN A 2 -1.65 11.81 2.68
CA ASN A 2 -1.79 11.48 4.09
C ASN A 2 -2.26 10.05 4.25
N LEU A 3 -2.62 9.42 3.13
CA LEU A 3 -3.11 8.05 3.09
C LEU A 3 -4.40 7.93 3.91
N ALA A 4 -4.79 6.71 4.26
CA ALA A 4 -6.02 6.43 5.01
C ALA A 4 -7.27 6.69 4.16
N GLU A 5 -7.38 7.90 3.62
CA GLU A 5 -8.49 8.28 2.73
C GLU A 5 -8.24 7.76 1.32
N LEU A 6 -7.59 6.61 1.25
CA LEU A 6 -7.20 6.02 -0.02
C LEU A 6 -8.37 5.28 -0.67
N HIS A 7 -8.32 5.19 -1.98
CA HIS A 7 -9.38 4.58 -2.76
C HIS A 7 -9.00 3.12 -3.05
N ILE A 8 -9.98 2.23 -2.98
CA ILE A 8 -9.74 0.81 -3.20
C ILE A 8 -9.32 0.54 -4.64
N GLY A 9 -8.18 -0.08 -4.81
CA GLY A 9 -7.69 -0.40 -6.14
C GLY A 9 -6.80 0.72 -6.70
N GLN A 10 -6.54 1.71 -5.86
CA GLN A 10 -5.74 2.86 -6.26
C GLN A 10 -4.26 2.49 -6.28
N PRO A 11 -3.54 2.90 -7.34
CA PRO A 11 -2.11 2.64 -7.45
C PRO A 11 -1.30 3.56 -6.54
N VAL A 12 -0.54 2.96 -5.63
CA VAL A 12 0.29 3.70 -4.72
C VAL A 12 1.68 3.09 -4.66
N VAL A 13 2.68 3.92 -4.47
CA VAL A 13 4.06 3.47 -4.47
C VAL A 13 4.60 3.30 -3.06
N HIS A 14 5.21 2.16 -2.85
CA HIS A 14 5.87 1.83 -1.60
C HIS A 14 7.36 2.04 -1.78
N LEU A 15 7.92 2.95 -1.00
CA LEU A 15 9.34 3.33 -1.12
C LEU A 15 10.27 2.12 -1.11
N GLU A 16 9.79 0.99 -0.59
CA GLU A 16 10.59 -0.23 -0.54
C GLU A 16 10.55 -1.00 -1.87
N HIS A 17 9.35 -1.19 -2.43
CA HIS A 17 9.22 -2.02 -3.63
C HIS A 17 8.69 -1.25 -4.84
N GLY A 18 7.73 -0.36 -4.62
CA GLY A 18 7.24 0.45 -5.71
C GLY A 18 5.72 0.44 -5.81
N VAL A 19 5.23 0.64 -7.03
CA VAL A 19 3.80 0.77 -7.29
C VAL A 19 3.03 -0.53 -7.00
N GLY A 20 1.95 -0.39 -6.25
CA GLY A 20 1.08 -1.51 -5.93
C GLY A 20 -0.37 -1.09 -5.95
N ARG A 21 -1.28 -2.03 -5.68
CA ARG A 21 -2.70 -1.75 -5.68
C ARG A 21 -3.26 -1.76 -4.26
N TYR A 22 -3.69 -0.60 -3.80
CA TYR A 22 -4.20 -0.45 -2.45
C TYR A 22 -5.46 -1.26 -2.24
N ALA A 23 -5.50 -2.03 -1.16
CA ALA A 23 -6.68 -2.83 -0.86
C ALA A 23 -7.07 -2.73 0.61
N GLY A 24 -8.02 -1.85 0.88
CA GLY A 24 -8.56 -1.71 2.23
C GLY A 24 -7.51 -1.50 3.30
N MET A 25 -7.83 -1.95 4.50
CA MET A 25 -6.93 -1.85 5.64
C MET A 25 -7.07 -3.08 6.53
N THR A 26 -6.00 -3.39 7.24
CA THR A 26 -5.98 -4.52 8.15
C THR A 26 -5.40 -4.10 9.50
N THR A 27 -5.95 -4.62 10.57
CA THR A 27 -5.43 -4.32 11.89
C THR A 27 -4.48 -5.42 12.34
N LEU A 28 -3.28 -5.04 12.77
CA LEU A 28 -2.28 -6.02 13.15
C LEU A 28 -1.89 -5.85 14.61
N GLU A 29 -1.77 -6.97 15.30
CA GLU A 29 -1.39 -6.96 16.70
C GLU A 29 -0.02 -7.61 16.88
N ALA A 30 1.01 -6.79 16.96
CA ALA A 30 2.37 -7.28 17.09
C ALA A 30 2.77 -7.31 18.56
N GLY A 31 3.90 -7.95 18.84
CA GLY A 31 4.41 -7.98 20.19
C GLY A 31 4.99 -6.65 20.60
N GLY A 32 4.14 -5.75 21.05
CA GLY A 32 4.57 -4.43 21.46
C GLY A 32 3.84 -3.33 20.72
N ILE A 33 3.74 -3.48 19.41
CA ILE A 33 3.11 -2.47 18.58
C ILE A 33 1.83 -3.01 17.94
N THR A 34 0.70 -2.54 18.43
CA THR A 34 -0.58 -2.96 17.86
C THR A 34 -1.31 -1.73 17.32
N GLY A 35 -2.02 -1.88 16.22
CA GLY A 35 -2.73 -0.76 15.65
C GLY A 35 -3.22 -1.02 14.24
N GLU A 36 -3.53 0.06 13.54
CA GLU A 36 -4.08 -0.02 12.20
C GLU A 36 -2.98 -0.05 11.15
N TYR A 37 -3.16 -0.91 10.17
CA TYR A 37 -2.17 -1.06 9.10
C TYR A 37 -2.82 -1.04 7.73
N LEU A 38 -2.07 -0.52 6.80
CA LEU A 38 -2.48 -0.42 5.42
C LEU A 38 -2.31 -1.78 4.74
N MET A 39 -3.26 -2.13 3.88
CA MET A 39 -3.17 -3.38 3.15
C MET A 39 -3.00 -3.10 1.67
N LEU A 40 -1.95 -3.62 1.09
CA LEU A 40 -1.66 -3.45 -0.32
C LEU A 40 -1.54 -4.79 -1.02
N THR A 41 -1.86 -4.81 -2.30
CA THR A 41 -1.74 -6.00 -3.11
C THR A 41 -0.86 -5.75 -4.32
N TYR A 42 0.13 -6.61 -4.49
CA TYR A 42 1.04 -6.50 -5.61
C TYR A 42 0.84 -7.67 -6.56
N ALA A 43 1.81 -7.90 -7.43
CA ALA A 43 1.74 -9.01 -8.38
C ALA A 43 1.62 -10.34 -7.64
N ASN A 44 0.85 -11.26 -8.22
CA ASN A 44 0.61 -12.57 -7.62
C ASN A 44 -0.17 -12.42 -6.31
N ASP A 45 -0.92 -11.32 -6.22
CA ASP A 45 -1.77 -11.04 -5.05
C ASP A 45 -0.96 -11.00 -3.77
N ALA A 46 0.27 -10.51 -3.87
CA ALA A 46 1.15 -10.42 -2.73
C ALA A 46 0.63 -9.39 -1.73
N LYS A 47 0.61 -9.76 -0.46
CA LYS A 47 0.03 -8.93 0.58
C LYS A 47 1.09 -8.04 1.22
N LEU A 48 0.84 -6.75 1.25
CA LEU A 48 1.73 -5.80 1.88
C LEU A 48 1.03 -5.11 3.05
N TYR A 49 1.73 -4.99 4.17
CA TYR A 49 1.21 -4.28 5.32
C TYR A 49 2.09 -3.09 5.65
N VAL A 50 1.50 -1.91 5.70
CA VAL A 50 2.23 -0.70 6.04
C VAL A 50 1.60 -0.02 7.24
N PRO A 51 2.38 0.22 8.30
CA PRO A 51 1.88 0.87 9.51
C PRO A 51 1.46 2.30 9.25
N VAL A 52 0.40 2.74 9.94
CA VAL A 52 -0.14 4.08 9.75
C VAL A 52 0.82 5.16 10.25
N SER A 53 1.90 4.74 10.90
CA SER A 53 2.94 5.66 11.32
C SER A 53 4.01 5.80 10.26
N SER A 54 3.89 5.01 9.19
CA SER A 54 4.85 5.04 8.09
C SER A 54 4.14 5.39 6.78
N LEU A 55 3.00 6.07 6.90
CA LEU A 55 2.19 6.43 5.75
C LEU A 55 2.92 7.38 4.81
N HIS A 56 3.76 8.25 5.37
CA HIS A 56 4.43 9.26 4.56
C HIS A 56 5.51 8.64 3.66
N LEU A 57 5.69 7.33 3.75
CA LEU A 57 6.59 6.63 2.87
C LEU A 57 5.84 6.13 1.63
N ILE A 58 4.51 6.17 1.71
CA ILE A 58 3.66 5.77 0.61
C ILE A 58 3.23 7.00 -0.20
N SER A 59 3.25 6.87 -1.51
CA SER A 59 2.87 7.96 -2.39
C SER A 59 1.89 7.49 -3.44
N ARG A 60 0.97 8.35 -3.81
CA ARG A 60 0.00 8.00 -4.80
C ARG A 60 0.58 8.20 -6.20
N TYR A 61 0.34 7.23 -7.08
CA TYR A 61 0.98 7.20 -8.39
C TYR A 61 0.85 8.54 -9.12
N ALA A 62 -0.37 8.91 -9.47
CA ALA A 62 -0.66 10.20 -10.08
C ALA A 62 0.16 10.41 -11.34
N GLY A 63 -0.04 9.54 -12.31
CA GLY A 63 0.66 9.66 -13.56
C GLY A 63 -0.26 10.08 -14.68
N GLY A 64 -1.49 9.62 -14.62
CA GLY A 64 -2.47 9.95 -15.64
C GLY A 64 -3.39 8.78 -15.89
N ALA A 65 -2.85 7.74 -16.49
CA ALA A 65 -3.61 6.52 -16.73
C ALA A 65 -3.46 5.59 -15.53
N GLU A 66 -4.13 5.93 -14.44
CA GLU A 66 -4.01 5.19 -13.18
C GLU A 66 -4.50 3.75 -13.33
N GLU A 67 -5.40 3.54 -14.28
CA GLU A 67 -5.92 2.20 -14.53
C GLU A 67 -4.86 1.34 -15.22
N ASN A 68 -3.98 1.99 -15.97
CA ASN A 68 -2.92 1.30 -16.68
C ASN A 68 -1.60 1.42 -15.93
N ALA A 69 -1.68 1.86 -14.68
CA ALA A 69 -0.51 1.92 -13.82
C ALA A 69 0.03 0.52 -13.57
N PRO A 70 1.35 0.36 -13.63
CA PRO A 70 2.00 -0.96 -13.55
C PRO A 70 1.93 -1.56 -12.16
N LEU A 71 2.28 -2.83 -12.04
CA LEU A 71 2.20 -3.53 -10.78
C LEU A 71 3.51 -4.26 -10.49
N HIS A 72 4.14 -3.92 -9.37
CA HIS A 72 5.38 -4.55 -8.96
C HIS A 72 5.11 -5.82 -8.15
N LYS A 73 6.14 -6.62 -7.94
CA LYS A 73 6.01 -7.86 -7.20
C LYS A 73 6.69 -7.74 -5.83
N LEU A 74 6.25 -8.54 -4.87
CA LEU A 74 6.87 -8.59 -3.56
C LEU A 74 7.64 -9.89 -3.40
N GLY A 75 8.63 -9.90 -2.53
CA GLY A 75 9.48 -11.06 -2.38
C GLY A 75 9.07 -11.93 -1.21
N GLY A 76 7.85 -12.46 -1.27
CA GLY A 76 7.38 -13.31 -0.19
C GLY A 76 8.03 -14.68 -0.24
N ARG A 1 1.59 14.07 -0.76
CA ARG A 1 1.11 12.68 -0.85
C ARG A 1 -0.27 12.56 -0.24
N ASN A 2 -1.07 11.64 -0.76
CA ASN A 2 -2.44 11.46 -0.27
C ASN A 2 -2.62 10.06 0.29
N LEU A 3 -2.53 9.95 1.60
CA LEU A 3 -2.64 8.67 2.28
C LEU A 3 -3.90 8.62 3.14
N ALA A 4 -4.72 9.66 3.04
CA ALA A 4 -5.98 9.70 3.77
C ALA A 4 -7.15 9.51 2.81
N GLU A 5 -7.03 10.09 1.62
CA GLU A 5 -8.07 9.95 0.60
C GLU A 5 -7.84 8.69 -0.23
N LEU A 6 -7.26 7.69 0.39
CA LEU A 6 -6.97 6.44 -0.28
C LEU A 6 -8.24 5.70 -0.64
N HIS A 7 -8.33 5.33 -1.90
CA HIS A 7 -9.49 4.60 -2.40
C HIS A 7 -9.07 3.18 -2.79
N ILE A 8 -10.03 2.28 -2.76
CA ILE A 8 -9.75 0.86 -2.94
C ILE A 8 -9.38 0.54 -4.38
N GLY A 9 -8.29 -0.20 -4.56
CA GLY A 9 -7.90 -0.65 -5.87
C GLY A 9 -7.02 0.36 -6.59
N GLN A 10 -6.61 1.40 -5.88
CA GLN A 10 -5.85 2.47 -6.49
C GLN A 10 -4.36 2.23 -6.35
N PRO A 11 -3.58 2.67 -7.34
CA PRO A 11 -2.13 2.48 -7.36
C PRO A 11 -1.39 3.45 -6.45
N VAL A 12 -0.64 2.89 -5.51
CA VAL A 12 0.17 3.69 -4.60
C VAL A 12 1.58 3.09 -4.53
N VAL A 13 2.57 3.93 -4.35
CA VAL A 13 3.95 3.47 -4.34
C VAL A 13 4.51 3.35 -2.93
N HIS A 14 5.16 2.24 -2.70
CA HIS A 14 5.87 2.00 -1.46
C HIS A 14 7.33 2.36 -1.69
N LEU A 15 7.82 3.35 -0.95
CA LEU A 15 9.17 3.89 -1.14
C LEU A 15 10.25 2.79 -1.14
N GLU A 16 9.91 1.64 -0.58
CA GLU A 16 10.82 0.51 -0.54
C GLU A 16 10.76 -0.33 -1.82
N HIS A 17 9.57 -0.76 -2.20
CA HIS A 17 9.45 -1.74 -3.30
C HIS A 17 8.67 -1.22 -4.51
N GLY A 18 7.91 -0.15 -4.35
CA GLY A 18 7.33 0.50 -5.51
C GLY A 18 5.82 0.42 -5.58
N VAL A 19 5.30 0.59 -6.80
CA VAL A 19 3.87 0.69 -7.05
C VAL A 19 3.12 -0.62 -6.77
N GLY A 20 1.99 -0.47 -6.06
CA GLY A 20 1.11 -1.59 -5.79
C GLY A 20 -0.34 -1.15 -5.82
N ARG A 21 -1.25 -2.08 -5.56
CA ARG A 21 -2.68 -1.77 -5.53
C ARG A 21 -3.20 -1.73 -4.10
N TYR A 22 -3.65 -0.56 -3.69
CA TYR A 22 -4.17 -0.37 -2.33
C TYR A 22 -5.45 -1.17 -2.14
N ALA A 23 -5.53 -1.91 -1.05
CA ALA A 23 -6.74 -2.68 -0.77
C ALA A 23 -7.12 -2.58 0.70
N GLY A 24 -8.03 -1.66 0.99
CA GLY A 24 -8.53 -1.49 2.34
C GLY A 24 -7.45 -1.36 3.39
N MET A 25 -7.79 -1.77 4.60
CA MET A 25 -6.86 -1.74 5.71
C MET A 25 -7.05 -2.97 6.58
N THR A 26 -6.00 -3.36 7.26
CA THR A 26 -6.03 -4.52 8.12
C THR A 26 -5.41 -4.18 9.47
N THR A 27 -6.06 -4.60 10.54
CA THR A 27 -5.53 -4.38 11.86
C THR A 27 -4.74 -5.60 12.32
N LEU A 28 -3.49 -5.38 12.70
CA LEU A 28 -2.62 -6.47 13.08
C LEU A 28 -2.33 -6.42 14.57
N GLU A 29 -2.34 -7.58 15.21
CA GLU A 29 -2.01 -7.67 16.62
C GLU A 29 -0.74 -8.50 16.81
N ALA A 30 0.32 -7.82 17.18
CA ALA A 30 1.61 -8.46 17.36
C ALA A 30 2.07 -8.32 18.81
N GLY A 31 2.99 -9.18 19.22
CA GLY A 31 3.49 -9.15 20.58
C GLY A 31 4.51 -8.05 20.78
N GLY A 32 4.03 -6.82 20.83
CA GLY A 32 4.91 -5.68 21.00
C GLY A 32 4.35 -4.43 20.37
N ILE A 33 3.88 -4.55 19.14
CA ILE A 33 3.32 -3.42 18.41
C ILE A 33 1.99 -3.80 17.77
N THR A 34 0.94 -3.12 18.18
CA THR A 34 -0.39 -3.35 17.62
C THR A 34 -0.94 -2.07 17.01
N GLY A 35 -1.89 -2.18 16.10
CA GLY A 35 -2.53 -1.00 15.56
C GLY A 35 -3.12 -1.22 14.19
N GLU A 36 -3.39 -0.11 13.50
CA GLU A 36 -3.94 -0.14 12.15
C GLU A 36 -2.82 -0.24 11.13
N TYR A 37 -3.03 -1.06 10.12
CA TYR A 37 -2.04 -1.24 9.06
C TYR A 37 -2.69 -1.19 7.71
N LEU A 38 -1.97 -0.56 6.80
CA LEU A 38 -2.39 -0.42 5.44
C LEU A 38 -2.26 -1.76 4.71
N MET A 39 -3.27 -2.10 3.93
CA MET A 39 -3.23 -3.34 3.19
C MET A 39 -3.01 -3.05 1.70
N LEU A 40 -1.94 -3.59 1.16
CA LEU A 40 -1.62 -3.41 -0.25
C LEU A 40 -1.52 -4.76 -0.94
N THR A 41 -1.82 -4.77 -2.22
CA THR A 41 -1.72 -5.99 -3.01
C THR A 41 -0.80 -5.76 -4.21
N TYR A 42 0.12 -6.69 -4.39
CA TYR A 42 1.04 -6.65 -5.51
C TYR A 42 0.78 -7.83 -6.44
N ALA A 43 1.66 -8.04 -7.40
CA ALA A 43 1.51 -9.13 -8.34
C ALA A 43 1.52 -10.47 -7.61
N ASN A 44 0.78 -11.43 -8.17
CA ASN A 44 0.63 -12.75 -7.57
C ASN A 44 -0.16 -12.65 -6.25
N ASP A 45 -0.96 -11.58 -6.16
CA ASP A 45 -1.83 -11.33 -5.01
C ASP A 45 -1.04 -11.25 -3.71
N ALA A 46 0.18 -10.75 -3.79
CA ALA A 46 1.03 -10.62 -2.62
C ALA A 46 0.50 -9.52 -1.70
N LYS A 47 0.58 -9.75 -0.40
CA LYS A 47 0.01 -8.82 0.55
C LYS A 47 1.09 -7.96 1.21
N LEU A 48 0.92 -6.66 1.14
CA LEU A 48 1.81 -5.73 1.79
C LEU A 48 1.11 -5.06 2.97
N TYR A 49 1.84 -4.91 4.07
CA TYR A 49 1.29 -4.25 5.25
C TYR A 49 2.19 -3.08 5.65
N VAL A 50 1.60 -1.89 5.70
CA VAL A 50 2.35 -0.70 6.07
C VAL A 50 1.72 -0.06 7.31
N PRO A 51 2.52 0.23 8.35
CA PRO A 51 2.03 0.88 9.55
C PRO A 51 1.57 2.30 9.26
N VAL A 52 0.48 2.72 9.90
CA VAL A 52 -0.09 4.04 9.66
C VAL A 52 0.81 5.16 10.16
N SER A 53 1.90 4.78 10.81
CA SER A 53 2.92 5.74 11.22
C SER A 53 3.86 6.03 10.05
N SER A 54 3.91 5.12 9.09
CA SER A 54 4.83 5.24 7.96
C SER A 54 4.09 5.65 6.68
N LEU A 55 2.95 6.32 6.84
CA LEU A 55 2.17 6.78 5.71
C LEU A 55 2.92 7.87 4.93
N HIS A 56 3.92 8.47 5.56
CA HIS A 56 4.71 9.51 4.92
C HIS A 56 5.78 8.90 4.02
N LEU A 57 5.69 7.60 3.80
CA LEU A 57 6.63 6.89 2.95
C LEU A 57 5.93 6.32 1.73
N ILE A 58 4.64 6.58 1.63
CA ILE A 58 3.84 6.13 0.50
C ILE A 58 3.46 7.33 -0.36
N SER A 59 3.11 7.08 -1.62
CA SER A 59 2.71 8.14 -2.52
C SER A 59 1.74 7.60 -3.54
N ARG A 60 0.90 8.48 -4.05
CA ARG A 60 -0.14 8.10 -4.98
C ARG A 60 0.42 8.12 -6.40
N TYR A 61 0.14 7.08 -7.15
CA TYR A 61 0.66 6.95 -8.50
C TYR A 61 -0.14 7.80 -9.48
N ALA A 62 0.35 9.02 -9.72
CA ALA A 62 -0.26 9.97 -10.66
C ALA A 62 -1.60 10.48 -10.16
N GLY A 63 -2.57 9.58 -10.08
CA GLY A 63 -3.91 9.95 -9.64
C GLY A 63 -4.98 9.38 -10.53
N GLY A 64 -4.98 9.83 -11.78
CA GLY A 64 -5.98 9.37 -12.73
C GLY A 64 -5.42 8.37 -13.72
N ALA A 65 -4.09 8.32 -13.82
CA ALA A 65 -3.42 7.39 -14.73
C ALA A 65 -3.27 6.02 -14.08
N GLU A 66 -4.38 5.47 -13.60
CA GLU A 66 -4.38 4.22 -12.88
C GLU A 66 -4.28 3.02 -13.83
N GLU A 67 -4.71 3.21 -15.06
CA GLU A 67 -4.67 2.14 -16.05
C GLU A 67 -3.24 1.95 -16.53
N ASN A 68 -2.47 3.02 -16.49
CA ASN A 68 -1.07 2.99 -16.92
C ASN A 68 -0.18 2.50 -15.79
N ALA A 69 -0.74 2.35 -14.61
CA ALA A 69 0.00 1.92 -13.44
C ALA A 69 0.31 0.44 -13.51
N PRO A 70 1.59 0.07 -13.36
CA PRO A 70 2.03 -1.32 -13.34
C PRO A 70 1.94 -1.94 -11.95
N LEU A 71 2.15 -3.25 -11.86
CA LEU A 71 2.05 -3.94 -10.59
C LEU A 71 3.32 -4.74 -10.33
N HIS A 72 4.05 -4.36 -9.29
CA HIS A 72 5.30 -5.03 -8.94
C HIS A 72 5.03 -6.36 -8.25
N LYS A 73 5.99 -7.27 -8.32
CA LYS A 73 5.90 -8.55 -7.64
C LYS A 73 6.63 -8.49 -6.30
N LEU A 74 6.01 -9.02 -5.26
CA LEU A 74 6.66 -9.10 -3.96
C LEU A 74 7.37 -10.45 -3.82
N GLY A 75 8.35 -10.68 -4.68
CA GLY A 75 9.16 -11.88 -4.57
C GLY A 75 10.43 -11.58 -3.82
N GLY A 76 10.48 -10.38 -3.26
CA GLY A 76 11.64 -9.93 -2.52
C GLY A 76 11.56 -8.43 -2.34
N ARG A 1 1.65 13.84 -0.60
CA ARG A 1 1.04 12.61 -0.07
C ARG A 1 0.26 12.90 1.21
N ASN A 2 -0.72 12.07 1.50
CA ASN A 2 -1.50 12.20 2.72
C ASN A 2 -2.09 10.85 3.11
N LEU A 3 -2.58 10.14 2.10
CA LEU A 3 -3.17 8.82 2.28
C LEU A 3 -4.38 8.91 3.22
N ALA A 4 -4.74 7.79 3.84
CA ALA A 4 -5.90 7.69 4.74
C ALA A 4 -7.21 7.76 3.96
N GLU A 5 -7.31 8.72 3.05
CA GLU A 5 -8.46 8.84 2.16
C GLU A 5 -8.21 8.02 0.89
N LEU A 6 -7.46 6.94 1.05
CA LEU A 6 -7.09 6.06 -0.05
C LEU A 6 -8.28 5.24 -0.51
N HIS A 7 -8.43 5.11 -1.82
CA HIS A 7 -9.54 4.37 -2.40
C HIS A 7 -9.11 2.95 -2.73
N ILE A 8 -10.07 2.04 -2.75
CA ILE A 8 -9.80 0.63 -2.99
C ILE A 8 -9.42 0.38 -4.43
N GLY A 9 -8.27 -0.26 -4.63
CA GLY A 9 -7.81 -0.57 -5.96
C GLY A 9 -6.94 0.54 -6.53
N GLN A 10 -6.67 1.54 -5.71
CA GLN A 10 -5.91 2.69 -6.16
C GLN A 10 -4.42 2.35 -6.22
N PRO A 11 -3.76 2.67 -7.33
CA PRO A 11 -2.33 2.44 -7.48
C PRO A 11 -1.52 3.43 -6.64
N VAL A 12 -0.70 2.90 -5.75
CA VAL A 12 0.14 3.71 -4.90
C VAL A 12 1.54 3.11 -4.84
N VAL A 13 2.54 3.93 -4.63
CA VAL A 13 3.91 3.46 -4.62
C VAL A 13 4.48 3.46 -3.20
N HIS A 14 5.06 2.34 -2.87
CA HIS A 14 5.75 2.17 -1.60
C HIS A 14 7.23 2.44 -1.83
N LEU A 15 7.80 3.35 -1.05
CA LEU A 15 9.19 3.77 -1.23
C LEU A 15 10.17 2.60 -1.24
N GLU A 16 9.72 1.45 -0.72
CA GLU A 16 10.53 0.25 -0.73
C GLU A 16 10.39 -0.55 -2.03
N HIS A 17 9.16 -0.90 -2.40
CA HIS A 17 8.95 -1.79 -3.55
C HIS A 17 8.43 -1.06 -4.78
N GLY A 18 7.53 -0.12 -4.59
CA GLY A 18 7.03 0.63 -5.72
C GLY A 18 5.53 0.54 -5.88
N VAL A 19 5.08 0.58 -7.12
CA VAL A 19 3.67 0.64 -7.45
C VAL A 19 2.93 -0.65 -7.09
N GLY A 20 1.82 -0.48 -6.38
CA GLY A 20 0.95 -1.59 -6.04
C GLY A 20 -0.50 -1.14 -6.02
N ARG A 21 -1.42 -2.07 -5.77
CA ARG A 21 -2.84 -1.75 -5.71
C ARG A 21 -3.33 -1.75 -4.26
N TYR A 22 -3.75 -0.58 -3.80
CA TYR A 22 -4.21 -0.41 -2.44
C TYR A 22 -5.46 -1.24 -2.17
N ALA A 23 -5.49 -1.94 -1.04
CA ALA A 23 -6.66 -2.71 -0.68
C ALA A 23 -6.98 -2.61 0.80
N GLY A 24 -7.89 -1.70 1.12
CA GLY A 24 -8.37 -1.56 2.48
C GLY A 24 -7.28 -1.41 3.52
N MET A 25 -7.62 -1.77 4.74
CA MET A 25 -6.69 -1.73 5.86
C MET A 25 -6.86 -2.96 6.73
N THR A 26 -5.77 -3.36 7.34
CA THR A 26 -5.76 -4.51 8.22
C THR A 26 -5.03 -4.15 9.51
N THR A 27 -5.60 -4.51 10.64
CA THR A 27 -4.95 -4.24 11.90
C THR A 27 -4.11 -5.44 12.32
N LEU A 28 -2.90 -5.18 12.76
CA LEU A 28 -1.99 -6.26 13.13
C LEU A 28 -1.80 -6.28 14.63
N GLU A 29 -2.21 -7.39 15.23
CA GLU A 29 -2.21 -7.54 16.66
C GLU A 29 -0.96 -8.25 17.14
N ALA A 30 -0.02 -7.48 17.67
CA ALA A 30 1.21 -8.03 18.20
C ALA A 30 1.13 -8.13 19.72
N GLY A 31 2.11 -8.80 20.31
CA GLY A 31 2.12 -8.99 21.75
C GLY A 31 2.30 -7.70 22.51
N GLY A 32 1.19 -7.11 22.94
CA GLY A 32 1.25 -5.91 23.75
C GLY A 32 0.95 -4.66 22.95
N ILE A 33 1.31 -4.68 21.67
CA ILE A 33 1.15 -3.51 20.82
C ILE A 33 0.44 -3.89 19.53
N THR A 34 -0.80 -3.46 19.41
CA THR A 34 -1.57 -3.72 18.20
C THR A 34 -1.72 -2.42 17.42
N GLY A 35 -1.59 -2.48 16.10
CA GLY A 35 -1.56 -1.26 15.32
C GLY A 35 -2.28 -1.38 14.00
N GLU A 36 -2.67 -0.24 13.46
CA GLU A 36 -3.39 -0.19 12.19
C GLU A 36 -2.42 -0.22 11.02
N TYR A 37 -2.67 -1.13 10.09
CA TYR A 37 -1.81 -1.26 8.92
C TYR A 37 -2.59 -1.19 7.63
N LEU A 38 -1.95 -0.63 6.65
CA LEU A 38 -2.45 -0.55 5.31
C LEU A 38 -2.25 -1.88 4.61
N MET A 39 -3.21 -2.29 3.81
CA MET A 39 -3.05 -3.49 3.00
C MET A 39 -2.88 -3.12 1.54
N LEU A 40 -1.83 -3.62 0.94
CA LEU A 40 -1.57 -3.39 -0.47
C LEU A 40 -1.44 -4.70 -1.20
N THR A 41 -1.87 -4.70 -2.44
CA THR A 41 -1.83 -5.89 -3.26
C THR A 41 -0.81 -5.72 -4.37
N TYR A 42 0.19 -6.59 -4.37
CA TYR A 42 1.20 -6.60 -5.41
C TYR A 42 1.01 -7.81 -6.30
N ALA A 43 1.99 -8.09 -7.14
CA ALA A 43 1.92 -9.22 -8.07
C ALA A 43 1.62 -10.52 -7.32
N ASN A 44 0.80 -11.36 -7.95
CA ASN A 44 0.43 -12.67 -7.39
C ASN A 44 -0.42 -12.49 -6.13
N ASP A 45 -1.20 -11.40 -6.08
CA ASP A 45 -2.07 -11.10 -4.95
C ASP A 45 -1.29 -11.04 -3.65
N ALA A 46 -0.03 -10.61 -3.74
CA ALA A 46 0.83 -10.53 -2.58
C ALA A 46 0.41 -9.38 -1.67
N LYS A 47 0.44 -9.62 -0.37
CA LYS A 47 -0.05 -8.67 0.61
C LYS A 47 1.08 -7.85 1.19
N LEU A 48 0.99 -6.54 1.04
CA LEU A 48 1.91 -5.62 1.68
C LEU A 48 1.23 -4.97 2.87
N TYR A 49 1.94 -4.91 3.99
CA TYR A 49 1.43 -4.26 5.18
C TYR A 49 2.26 -3.03 5.49
N VAL A 50 1.63 -1.87 5.46
CA VAL A 50 2.31 -0.64 5.81
C VAL A 50 1.62 0.00 7.01
N PRO A 51 2.35 0.23 8.10
CA PRO A 51 1.79 0.82 9.31
C PRO A 51 1.33 2.25 9.05
N VAL A 52 0.21 2.61 9.64
CA VAL A 52 -0.34 3.96 9.47
C VAL A 52 0.59 5.01 10.10
N SER A 53 1.60 4.53 10.81
CA SER A 53 2.62 5.41 11.37
C SER A 53 3.74 5.66 10.36
N SER A 54 3.65 5.02 9.20
CA SER A 54 4.67 5.16 8.15
C SER A 54 4.04 5.56 6.83
N LEU A 55 2.88 6.22 6.89
CA LEU A 55 2.17 6.67 5.70
C LEU A 55 2.99 7.67 4.89
N HIS A 56 3.89 8.37 5.56
CA HIS A 56 4.70 9.39 4.90
C HIS A 56 5.82 8.76 4.06
N LEU A 57 5.68 7.47 3.78
CA LEU A 57 6.60 6.77 2.88
C LEU A 57 5.86 6.25 1.66
N ILE A 58 4.55 6.46 1.63
CA ILE A 58 3.72 6.03 0.50
C ILE A 58 3.39 7.22 -0.39
N SER A 59 3.49 7.01 -1.68
CA SER A 59 3.20 8.07 -2.64
C SER A 59 2.10 7.60 -3.59
N ARG A 60 1.21 8.50 -3.95
CA ARG A 60 0.14 8.16 -4.86
C ARG A 60 0.68 8.14 -6.29
N TYR A 61 0.19 7.22 -7.10
CA TYR A 61 0.69 7.04 -8.46
C TYR A 61 0.70 8.36 -9.23
N ALA A 62 -0.48 8.80 -9.67
CA ALA A 62 -0.63 10.08 -10.37
C ALA A 62 0.23 10.15 -11.63
N GLY A 63 0.37 11.35 -12.18
CA GLY A 63 1.19 11.55 -13.35
C GLY A 63 0.42 11.31 -14.63
N GLY A 64 0.08 10.06 -14.88
CA GLY A 64 -0.64 9.71 -16.08
C GLY A 64 -1.82 8.81 -15.79
N ALA A 65 -2.10 7.88 -16.70
CA ALA A 65 -3.21 6.95 -16.54
C ALA A 65 -2.92 5.95 -15.43
N GLU A 66 -3.48 6.19 -14.26
CA GLU A 66 -3.24 5.33 -13.11
C GLU A 66 -4.06 4.05 -13.21
N GLU A 67 -5.12 4.08 -14.00
CA GLU A 67 -5.93 2.89 -14.21
C GLU A 67 -5.12 1.81 -14.92
N ASN A 68 -4.10 2.24 -15.65
CA ASN A 68 -3.25 1.33 -16.42
C ASN A 68 -1.91 1.13 -15.72
N ALA A 69 -1.84 1.52 -14.45
CA ALA A 69 -0.62 1.40 -13.67
C ALA A 69 -0.11 -0.05 -13.62
N PRO A 70 1.20 -0.24 -13.70
CA PRO A 70 1.82 -1.55 -13.63
C PRO A 70 1.81 -2.10 -12.21
N LEU A 71 2.16 -3.37 -12.06
CA LEU A 71 2.14 -4.01 -10.75
C LEU A 71 3.50 -4.61 -10.44
N HIS A 72 4.08 -4.22 -9.31
CA HIS A 72 5.37 -4.74 -8.88
C HIS A 72 5.20 -6.01 -8.06
N LYS A 73 6.29 -6.75 -7.91
CA LYS A 73 6.26 -8.00 -7.15
C LYS A 73 6.66 -7.76 -5.70
N LEU A 74 6.04 -8.50 -4.80
CA LEU A 74 6.25 -8.32 -3.38
C LEU A 74 7.23 -9.36 -2.85
N GLY A 75 8.46 -9.26 -3.30
CA GLY A 75 9.50 -10.15 -2.86
C GLY A 75 10.59 -10.29 -3.90
N GLY A 76 11.48 -11.25 -3.69
CA GLY A 76 12.56 -11.48 -4.63
C GLY A 76 12.12 -12.38 -5.76
N ARG A 1 0.48 13.69 1.76
CA ARG A 1 0.18 12.24 1.70
C ARG A 1 -0.08 11.66 3.09
N ASN A 2 -1.32 11.79 3.56
CA ASN A 2 -1.72 11.15 4.81
C ASN A 2 -2.42 9.83 4.52
N LEU A 3 -2.73 9.62 3.23
CA LEU A 3 -3.31 8.38 2.75
C LEU A 3 -4.66 8.09 3.40
N ALA A 4 -5.37 9.16 3.75
CA ALA A 4 -6.68 9.02 4.38
C ALA A 4 -7.78 8.95 3.34
N GLU A 5 -7.47 9.45 2.15
CA GLU A 5 -8.43 9.45 1.05
C GLU A 5 -8.18 8.26 0.13
N LEU A 6 -7.53 7.24 0.66
CA LEU A 6 -7.20 6.05 -0.11
C LEU A 6 -8.44 5.26 -0.49
N HIS A 7 -8.54 4.92 -1.77
CA HIS A 7 -9.65 4.14 -2.27
C HIS A 7 -9.15 2.76 -2.69
N ILE A 8 -10.05 1.79 -2.73
CA ILE A 8 -9.67 0.42 -3.04
C ILE A 8 -9.26 0.27 -4.49
N GLY A 9 -8.08 -0.29 -4.70
CA GLY A 9 -7.59 -0.51 -6.05
C GLY A 9 -6.89 0.71 -6.61
N GLN A 10 -6.61 1.67 -5.75
CA GLN A 10 -6.00 2.91 -6.16
C GLN A 10 -4.47 2.73 -6.20
N PRO A 11 -3.84 3.07 -7.34
CA PRO A 11 -2.39 2.89 -7.50
C PRO A 11 -1.59 3.80 -6.58
N VAL A 12 -0.76 3.16 -5.75
CA VAL A 12 0.09 3.89 -4.81
C VAL A 12 1.52 3.39 -4.92
N VAL A 13 2.45 4.20 -4.46
CA VAL A 13 3.85 3.81 -4.49
C VAL A 13 4.38 3.61 -3.08
N HIS A 14 5.03 2.49 -2.90
CA HIS A 14 5.60 2.13 -1.61
C HIS A 14 7.11 2.23 -1.72
N LEU A 15 7.69 3.21 -1.01
CA LEU A 15 9.12 3.54 -1.13
C LEU A 15 10.02 2.30 -0.91
N GLU A 16 9.49 1.29 -0.24
CA GLU A 16 10.26 0.09 0.05
C GLU A 16 10.20 -0.91 -1.11
N HIS A 17 9.03 -1.10 -1.71
CA HIS A 17 8.87 -2.13 -2.74
C HIS A 17 8.47 -1.56 -4.10
N GLY A 18 7.59 -0.57 -4.12
CA GLY A 18 7.25 0.07 -5.37
C GLY A 18 5.76 0.27 -5.54
N VAL A 19 5.36 0.51 -6.78
CA VAL A 19 3.96 0.76 -7.12
C VAL A 19 3.09 -0.49 -6.95
N GLY A 20 1.91 -0.30 -6.39
CA GLY A 20 0.98 -1.39 -6.18
C GLY A 20 -0.46 -0.90 -6.13
N ARG A 21 -1.39 -1.82 -5.89
CA ARG A 21 -2.80 -1.46 -5.81
C ARG A 21 -3.27 -1.51 -4.36
N TYR A 22 -3.52 -0.34 -3.78
CA TYR A 22 -4.00 -0.23 -2.41
C TYR A 22 -5.19 -1.15 -2.18
N ALA A 23 -5.08 -2.04 -1.22
CA ALA A 23 -6.20 -2.92 -0.92
C ALA A 23 -6.60 -2.87 0.54
N GLY A 24 -7.59 -2.04 0.85
CA GLY A 24 -8.14 -1.96 2.19
C GLY A 24 -7.10 -1.80 3.28
N MET A 25 -7.46 -2.27 4.47
CA MET A 25 -6.59 -2.18 5.63
C MET A 25 -6.75 -3.40 6.51
N THR A 26 -5.69 -3.71 7.23
CA THR A 26 -5.67 -4.86 8.13
C THR A 26 -5.08 -4.46 9.48
N THR A 27 -5.64 -4.99 10.56
CA THR A 27 -5.12 -4.70 11.88
C THR A 27 -4.14 -5.77 12.34
N LEU A 28 -3.00 -5.34 12.88
CA LEU A 28 -1.97 -6.26 13.35
C LEU A 28 -1.58 -5.92 14.79
N GLU A 29 -1.18 -6.94 15.54
CA GLU A 29 -0.74 -6.74 16.90
C GLU A 29 0.73 -7.11 17.04
N ALA A 30 1.56 -6.13 17.38
CA ALA A 30 2.98 -6.34 17.51
C ALA A 30 3.39 -6.31 18.97
N GLY A 31 4.60 -6.77 19.25
CA GLY A 31 5.10 -6.80 20.61
C GLY A 31 5.45 -5.43 21.13
N GLY A 32 4.44 -4.68 21.51
CA GLY A 32 4.65 -3.34 22.02
C GLY A 32 3.70 -2.34 21.38
N ILE A 33 3.65 -2.36 20.05
CA ILE A 33 2.82 -1.42 19.32
C ILE A 33 1.71 -2.15 18.58
N THR A 34 0.48 -1.86 18.93
CA THR A 34 -0.64 -2.46 18.26
C THR A 34 -1.51 -1.36 17.64
N GLY A 35 -1.83 -1.51 16.36
CA GLY A 35 -2.58 -0.49 15.68
C GLY A 35 -3.15 -0.95 14.36
N GLU A 36 -3.40 0.00 13.48
CA GLU A 36 -3.96 -0.29 12.17
C GLU A 36 -2.86 -0.31 11.12
N TYR A 37 -3.03 -1.16 10.13
CA TYR A 37 -2.04 -1.30 9.07
C TYR A 37 -2.71 -1.31 7.72
N LEU A 38 -1.94 -0.87 6.75
CA LEU A 38 -2.39 -0.75 5.40
C LEU A 38 -2.14 -2.04 4.67
N MET A 39 -3.05 -2.41 3.79
CA MET A 39 -2.89 -3.60 2.97
C MET A 39 -2.76 -3.20 1.52
N LEU A 40 -1.72 -3.71 0.87
CA LEU A 40 -1.52 -3.50 -0.55
C LEU A 40 -1.64 -4.81 -1.30
N THR A 41 -2.01 -4.75 -2.57
CA THR A 41 -2.01 -5.93 -3.41
C THR A 41 -1.04 -5.77 -4.56
N TYR A 42 -0.12 -6.71 -4.65
CA TYR A 42 0.85 -6.74 -5.72
C TYR A 42 0.58 -7.94 -6.60
N ALA A 43 1.50 -8.24 -7.52
CA ALA A 43 1.35 -9.39 -8.41
C ALA A 43 1.15 -10.67 -7.63
N ASN A 44 0.33 -11.57 -8.18
CA ASN A 44 0.03 -12.86 -7.56
C ASN A 44 -0.70 -12.69 -6.24
N ASP A 45 -1.50 -11.62 -6.15
CA ASP A 45 -2.30 -11.31 -4.97
C ASP A 45 -1.42 -11.30 -3.71
N ALA A 46 -0.28 -10.65 -3.83
CA ALA A 46 0.63 -10.54 -2.70
C ALA A 46 0.20 -9.41 -1.78
N LYS A 47 0.18 -9.68 -0.49
CA LYS A 47 -0.34 -8.73 0.48
C LYS A 47 0.78 -7.98 1.19
N LEU A 48 0.75 -6.66 1.08
CA LEU A 48 1.71 -5.80 1.75
C LEU A 48 1.08 -5.14 2.96
N TYR A 49 1.81 -5.11 4.08
CA TYR A 49 1.33 -4.46 5.28
C TYR A 49 2.19 -3.25 5.59
N VAL A 50 1.59 -2.08 5.61
CA VAL A 50 2.30 -0.85 5.96
C VAL A 50 1.67 -0.21 7.20
N PRO A 51 2.47 0.08 8.23
CA PRO A 51 1.98 0.75 9.43
C PRO A 51 1.48 2.16 9.12
N VAL A 52 0.36 2.55 9.72
CA VAL A 52 -0.25 3.83 9.44
C VAL A 52 0.63 4.99 9.87
N SER A 53 1.60 4.72 10.72
CA SER A 53 2.55 5.73 11.15
C SER A 53 3.64 5.95 10.08
N SER A 54 3.68 5.06 9.10
CA SER A 54 4.67 5.15 8.04
C SER A 54 4.01 5.56 6.71
N LEU A 55 2.81 6.11 6.82
CA LEU A 55 2.08 6.57 5.63
C LEU A 55 2.78 7.77 5.01
N HIS A 56 3.63 8.41 5.79
CA HIS A 56 4.43 9.53 5.31
C HIS A 56 5.38 9.10 4.20
N LEU A 57 5.62 7.79 4.10
CA LEU A 57 6.52 7.25 3.10
C LEU A 57 5.75 6.74 1.88
N ILE A 58 4.43 6.71 1.99
CA ILE A 58 3.58 6.26 0.90
C ILE A 58 3.16 7.44 0.03
N SER A 59 3.18 7.26 -1.27
CA SER A 59 2.79 8.30 -2.20
C SER A 59 1.82 7.75 -3.23
N ARG A 60 1.21 8.63 -4.00
CA ARG A 60 0.22 8.23 -4.97
C ARG A 60 0.83 8.23 -6.36
N TYR A 61 0.46 7.24 -7.16
CA TYR A 61 0.97 7.11 -8.51
C TYR A 61 0.45 8.25 -9.39
N ALA A 62 1.35 8.86 -10.14
CA ALA A 62 0.99 9.98 -11.01
C ALA A 62 1.57 9.79 -12.39
N GLY A 63 0.71 9.51 -13.37
CA GLY A 63 1.16 9.31 -14.73
C GLY A 63 0.03 9.39 -15.72
N GLY A 64 -0.80 10.42 -15.58
CA GLY A 64 -1.93 10.59 -16.47
C GLY A 64 -3.03 9.59 -16.18
N ALA A 65 -2.94 8.42 -16.80
CA ALA A 65 -3.90 7.37 -16.58
C ALA A 65 -3.50 6.53 -15.37
N GLU A 66 -4.39 6.48 -14.39
CA GLU A 66 -4.11 5.80 -13.13
C GLU A 66 -4.02 4.28 -13.35
N GLU A 67 -4.71 3.80 -14.39
CA GLU A 67 -4.73 2.39 -14.68
C GLU A 67 -3.48 1.97 -15.46
N ASN A 68 -2.65 2.94 -15.82
CA ASN A 68 -1.40 2.66 -16.53
C ASN A 68 -0.31 2.27 -15.57
N ALA A 69 -0.63 2.30 -14.28
CA ALA A 69 0.30 1.91 -13.24
C ALA A 69 0.65 0.43 -13.36
N PRO A 70 1.96 0.10 -13.36
CA PRO A 70 2.41 -1.28 -13.39
C PRO A 70 2.22 -1.96 -12.05
N LEU A 71 2.37 -3.27 -12.00
CA LEU A 71 2.15 -4.01 -10.78
C LEU A 71 3.40 -4.79 -10.39
N HIS A 72 4.06 -4.34 -9.33
CA HIS A 72 5.25 -5.01 -8.81
C HIS A 72 4.87 -6.30 -8.10
N LYS A 73 5.86 -7.12 -7.82
CA LYS A 73 5.63 -8.38 -7.12
C LYS A 73 6.37 -8.41 -5.78
N LEU A 74 5.70 -8.89 -4.75
CA LEU A 74 6.34 -9.10 -3.46
C LEU A 74 7.00 -10.47 -3.47
N GLY A 75 8.29 -10.50 -3.19
CA GLY A 75 9.03 -11.74 -3.27
C GLY A 75 9.45 -12.03 -4.69
N GLY A 76 9.72 -10.97 -5.44
CA GLY A 76 10.15 -11.11 -6.82
C GLY A 76 11.00 -9.95 -7.26
N ARG A 1 0.63 13.31 -1.65
CA ARG A 1 0.87 11.84 -1.54
C ARG A 1 -0.44 11.08 -1.39
N ASN A 2 -1.50 11.78 -0.96
CA ASN A 2 -2.79 11.17 -0.61
C ASN A 2 -2.68 10.47 0.75
N LEU A 3 -3.04 9.19 0.82
CA LEU A 3 -3.03 8.42 2.06
C LEU A 3 -4.18 8.85 2.98
N ALA A 4 -4.56 7.94 3.88
CA ALA A 4 -5.70 8.13 4.79
C ALA A 4 -7.02 8.08 4.02
N GLU A 5 -7.21 9.03 3.11
CA GLU A 5 -8.42 9.11 2.31
C GLU A 5 -8.30 8.24 1.07
N LEU A 6 -7.57 7.14 1.21
CA LEU A 6 -7.31 6.22 0.11
C LEU A 6 -8.57 5.49 -0.34
N HIS A 7 -8.59 5.11 -1.60
CA HIS A 7 -9.71 4.37 -2.17
C HIS A 7 -9.26 2.98 -2.58
N ILE A 8 -10.20 2.04 -2.63
CA ILE A 8 -9.88 0.65 -2.91
C ILE A 8 -9.50 0.46 -4.37
N GLY A 9 -8.38 -0.22 -4.59
CA GLY A 9 -7.94 -0.50 -5.94
C GLY A 9 -7.08 0.61 -6.50
N GLN A 10 -6.73 1.57 -5.65
CA GLN A 10 -5.93 2.70 -6.08
C GLN A 10 -4.47 2.36 -6.13
N PRO A 11 -3.76 2.87 -7.14
CA PRO A 11 -2.34 2.65 -7.30
C PRO A 11 -1.50 3.57 -6.42
N VAL A 12 -0.70 2.98 -5.56
CA VAL A 12 0.16 3.73 -4.67
C VAL A 12 1.55 3.12 -4.66
N VAL A 13 2.56 3.96 -4.55
CA VAL A 13 3.93 3.49 -4.55
C VAL A 13 4.47 3.40 -3.14
N HIS A 14 5.13 2.29 -2.87
CA HIS A 14 5.78 2.07 -1.61
C HIS A 14 7.27 2.28 -1.80
N LEU A 15 7.81 3.30 -1.14
CA LEU A 15 9.21 3.71 -1.32
C LEU A 15 10.19 2.54 -1.13
N GLU A 16 9.72 1.49 -0.48
CA GLU A 16 10.55 0.32 -0.23
C GLU A 16 10.54 -0.65 -1.41
N HIS A 17 9.36 -0.91 -1.98
CA HIS A 17 9.28 -1.91 -3.06
C HIS A 17 8.80 -1.33 -4.40
N GLY A 18 7.82 -0.44 -4.38
CA GLY A 18 7.37 0.15 -5.63
C GLY A 18 5.86 0.23 -5.74
N VAL A 19 5.37 0.28 -6.98
CA VAL A 19 3.94 0.43 -7.26
C VAL A 19 3.14 -0.77 -6.81
N GLY A 20 2.00 -0.51 -6.18
CA GLY A 20 1.10 -1.57 -5.77
C GLY A 20 -0.35 -1.11 -5.82
N ARG A 21 -1.27 -2.02 -5.55
CA ARG A 21 -2.70 -1.71 -5.55
C ARG A 21 -3.26 -1.76 -4.15
N TYR A 22 -3.76 -0.62 -3.69
CA TYR A 22 -4.26 -0.47 -2.35
C TYR A 22 -5.53 -1.29 -2.14
N ALA A 23 -5.59 -2.03 -1.04
CA ALA A 23 -6.79 -2.78 -0.71
C ALA A 23 -7.12 -2.67 0.76
N GLY A 24 -8.01 -1.74 1.08
CA GLY A 24 -8.50 -1.59 2.44
C GLY A 24 -7.42 -1.43 3.48
N MET A 25 -7.76 -1.77 4.70
CA MET A 25 -6.84 -1.69 5.83
C MET A 25 -7.04 -2.86 6.76
N THR A 26 -5.96 -3.26 7.39
CA THR A 26 -5.99 -4.39 8.29
C THR A 26 -5.30 -4.04 9.60
N THR A 27 -5.91 -4.40 10.71
CA THR A 27 -5.29 -4.21 12.00
C THR A 27 -4.54 -5.47 12.39
N LEU A 28 -3.30 -5.31 12.80
CA LEU A 28 -2.48 -6.46 13.14
C LEU A 28 -2.20 -6.46 14.64
N GLU A 29 -2.43 -7.60 15.27
CA GLU A 29 -2.19 -7.77 16.68
C GLU A 29 -0.97 -8.64 16.89
N ALA A 30 -0.02 -8.15 17.67
CA ALA A 30 1.20 -8.87 17.94
C ALA A 30 1.54 -8.80 19.41
N GLY A 31 2.39 -9.71 19.88
CA GLY A 31 2.80 -9.72 21.26
C GLY A 31 3.78 -8.60 21.54
N GLY A 32 3.27 -7.39 21.68
CA GLY A 32 4.12 -6.25 21.94
C GLY A 32 3.78 -5.07 21.06
N ILE A 33 3.54 -5.34 19.78
CA ILE A 33 3.21 -4.29 18.82
C ILE A 33 1.82 -4.50 18.25
N THR A 34 0.87 -3.68 18.64
CA THR A 34 -0.47 -3.73 18.09
C THR A 34 -0.82 -2.39 17.48
N GLY A 35 -1.24 -2.38 16.22
CA GLY A 35 -1.55 -1.12 15.58
C GLY A 35 -2.38 -1.28 14.32
N GLU A 36 -2.61 -0.15 13.65
CA GLU A 36 -3.40 -0.12 12.42
C GLU A 36 -2.46 -0.18 11.22
N TYR A 37 -2.81 -0.99 10.23
CA TYR A 37 -1.95 -1.18 9.08
C TYR A 37 -2.72 -1.11 7.78
N LEU A 38 -2.03 -0.59 6.80
CA LEU A 38 -2.52 -0.50 5.46
C LEU A 38 -2.34 -1.85 4.77
N MET A 39 -3.31 -2.23 3.95
CA MET A 39 -3.21 -3.47 3.20
C MET A 39 -3.02 -3.17 1.73
N LEU A 40 -1.95 -3.68 1.16
CA LEU A 40 -1.66 -3.47 -0.24
C LEU A 40 -1.52 -4.79 -0.97
N THR A 41 -1.89 -4.79 -2.23
CA THR A 41 -1.77 -5.98 -3.06
C THR A 41 -0.87 -5.72 -4.26
N TYR A 42 0.10 -6.58 -4.43
CA TYR A 42 1.03 -6.49 -5.53
C TYR A 42 0.79 -7.60 -6.53
N ALA A 43 1.76 -7.86 -7.39
CA ALA A 43 1.64 -8.91 -8.40
C ALA A 43 1.37 -10.25 -7.75
N ASN A 44 0.52 -11.05 -8.39
CA ASN A 44 0.17 -12.39 -7.92
C ASN A 44 -0.58 -12.32 -6.59
N ASP A 45 -1.24 -11.17 -6.37
CA ASP A 45 -2.02 -10.92 -5.17
C ASP A 45 -1.16 -11.01 -3.92
N ALA A 46 0.05 -10.47 -4.00
CA ALA A 46 0.96 -10.45 -2.87
C ALA A 46 0.50 -9.43 -1.83
N LYS A 47 0.66 -9.77 -0.57
CA LYS A 47 0.13 -8.97 0.52
C LYS A 47 1.19 -8.08 1.15
N LEU A 48 0.99 -6.78 1.07
CA LEU A 48 1.85 -5.81 1.71
C LEU A 48 1.14 -5.17 2.89
N TYR A 49 1.86 -4.94 3.98
CA TYR A 49 1.29 -4.29 5.14
C TYR A 49 2.15 -3.10 5.55
N VAL A 50 1.56 -1.92 5.56
CA VAL A 50 2.27 -0.69 5.89
C VAL A 50 1.65 -0.04 7.13
N PRO A 51 2.48 0.27 8.13
CA PRO A 51 2.01 0.95 9.35
C PRO A 51 1.50 2.35 9.04
N VAL A 52 0.44 2.76 9.72
CA VAL A 52 -0.19 4.05 9.47
C VAL A 52 0.73 5.21 9.85
N SER A 53 1.82 4.91 10.53
CA SER A 53 2.80 5.92 10.90
C SER A 53 3.83 6.11 9.79
N SER A 54 3.76 5.26 8.76
CA SER A 54 4.69 5.33 7.65
C SER A 54 3.96 5.65 6.34
N LEU A 55 2.78 6.21 6.44
CA LEU A 55 1.98 6.57 5.27
C LEU A 55 2.61 7.76 4.54
N HIS A 56 3.47 8.48 5.24
CA HIS A 56 4.19 9.61 4.67
C HIS A 56 5.16 9.13 3.59
N LEU A 57 5.50 7.86 3.65
CA LEU A 57 6.45 7.27 2.72
C LEU A 57 5.75 6.70 1.49
N ILE A 58 4.41 6.70 1.52
CA ILE A 58 3.62 6.23 0.41
C ILE A 58 3.25 7.39 -0.50
N SER A 59 3.16 7.12 -1.79
CA SER A 59 2.78 8.14 -2.77
C SER A 59 1.79 7.59 -3.77
N ARG A 60 0.77 8.36 -4.02
CA ARG A 60 -0.23 8.01 -5.01
C ARG A 60 0.37 8.11 -6.40
N TYR A 61 0.05 7.14 -7.26
CA TYR A 61 0.56 7.12 -8.62
C TYR A 61 -0.01 8.30 -9.41
N ALA A 62 0.81 9.33 -9.57
CA ALA A 62 0.37 10.56 -10.23
C ALA A 62 0.88 10.63 -11.67
N GLY A 63 0.38 11.62 -12.40
CA GLY A 63 0.78 11.81 -13.78
C GLY A 63 -0.35 11.54 -14.75
N GLY A 64 -1.49 11.16 -14.22
CA GLY A 64 -2.63 10.84 -15.04
C GLY A 64 -2.53 9.45 -15.64
N ALA A 65 -2.04 8.50 -14.85
CA ALA A 65 -1.81 7.16 -15.33
C ALA A 65 -2.13 6.12 -14.26
N GLU A 66 -3.21 6.34 -13.53
CA GLU A 66 -3.63 5.42 -12.47
C GLU A 66 -4.10 4.10 -13.06
N GLU A 67 -4.62 4.15 -14.27
CA GLU A 67 -5.12 2.96 -14.94
C GLU A 67 -3.95 2.09 -15.42
N ASN A 68 -2.92 2.73 -15.95
CA ASN A 68 -1.76 2.03 -16.48
C ASN A 68 -0.69 1.79 -15.42
N ALA A 69 -1.06 1.96 -14.16
CA ALA A 69 -0.14 1.72 -13.05
C ALA A 69 0.13 0.21 -12.89
N PRO A 70 1.41 -0.19 -13.00
CA PRO A 70 1.81 -1.59 -12.99
C PRO A 70 1.89 -2.19 -11.58
N LEU A 71 2.06 -3.51 -11.53
CA LEU A 71 2.19 -4.22 -10.26
C LEU A 71 3.62 -4.71 -10.07
N HIS A 72 4.18 -4.42 -8.91
CA HIS A 72 5.51 -4.92 -8.57
C HIS A 72 5.41 -6.29 -7.91
N LYS A 73 6.53 -6.99 -7.89
CA LYS A 73 6.57 -8.35 -7.35
C LYS A 73 7.19 -8.33 -5.96
N LEU A 74 6.47 -8.89 -4.99
CA LEU A 74 6.96 -8.95 -3.62
C LEU A 74 7.73 -10.24 -3.39
N GLY A 75 8.82 -10.39 -4.13
CA GLY A 75 9.66 -11.57 -3.99
C GLY A 75 11.11 -11.21 -3.78
N GLY A 76 11.33 -10.22 -2.93
CA GLY A 76 12.68 -9.77 -2.67
C GLY A 76 13.00 -9.77 -1.19
N ARG A 1 -0.12 13.85 -0.56
CA ARG A 1 0.08 12.37 -0.57
C ARG A 1 -0.75 11.70 0.52
N ASN A 2 -1.43 12.51 1.34
CA ASN A 2 -2.11 12.02 2.54
C ASN A 2 -2.97 10.79 2.23
N LEU A 3 -2.56 9.67 2.82
CA LEU A 3 -3.18 8.38 2.52
C LEU A 3 -4.48 8.19 3.30
N ALA A 4 -4.94 9.25 3.95
CA ALA A 4 -6.21 9.22 4.67
C ALA A 4 -7.39 9.18 3.70
N GLU A 5 -7.11 9.45 2.42
CA GLU A 5 -8.13 9.38 1.39
C GLU A 5 -7.86 8.23 0.43
N LEU A 6 -7.21 7.21 0.94
CA LEU A 6 -6.93 6.02 0.15
C LEU A 6 -8.21 5.23 -0.12
N HIS A 7 -8.62 5.23 -1.37
CA HIS A 7 -9.80 4.50 -1.78
C HIS A 7 -9.40 3.13 -2.31
N ILE A 8 -10.35 2.22 -2.41
CA ILE A 8 -10.07 0.88 -2.87
C ILE A 8 -9.71 0.87 -4.35
N GLY A 9 -8.63 0.17 -4.69
CA GLY A 9 -8.22 0.09 -6.07
C GLY A 9 -7.42 1.30 -6.48
N GLN A 10 -6.81 1.94 -5.51
CA GLN A 10 -5.96 3.10 -5.76
C GLN A 10 -4.52 2.65 -5.94
N PRO A 11 -3.88 3.05 -7.04
CA PRO A 11 -2.48 2.75 -7.28
C PRO A 11 -1.56 3.63 -6.43
N VAL A 12 -0.72 3.01 -5.64
CA VAL A 12 0.18 3.74 -4.76
C VAL A 12 1.60 3.20 -4.89
N VAL A 13 2.57 3.98 -4.43
CA VAL A 13 3.95 3.58 -4.49
C VAL A 13 4.55 3.43 -3.10
N HIS A 14 5.27 2.35 -2.93
CA HIS A 14 5.91 2.03 -1.67
C HIS A 14 7.41 2.24 -1.82
N LEU A 15 7.97 3.12 -1.01
CA LEU A 15 9.39 3.50 -1.13
C LEU A 15 10.32 2.29 -1.05
N GLU A 16 9.82 1.20 -0.50
CA GLU A 16 10.61 -0.02 -0.34
C GLU A 16 10.58 -0.89 -1.60
N HIS A 17 9.39 -1.09 -2.19
CA HIS A 17 9.29 -1.98 -3.36
C HIS A 17 8.80 -1.27 -4.61
N GLY A 18 7.85 -0.36 -4.47
CA GLY A 18 7.36 0.37 -5.62
C GLY A 18 5.86 0.38 -5.73
N VAL A 19 5.37 0.49 -6.95
CA VAL A 19 3.95 0.62 -7.22
C VAL A 19 3.17 -0.66 -6.87
N GLY A 20 1.99 -0.47 -6.27
CA GLY A 20 1.12 -1.57 -5.92
C GLY A 20 -0.34 -1.16 -5.94
N ARG A 21 -1.23 -2.12 -5.72
CA ARG A 21 -2.66 -1.85 -5.72
C ARG A 21 -3.22 -1.85 -4.29
N TYR A 22 -3.78 -0.71 -3.89
CA TYR A 22 -4.28 -0.56 -2.53
C TYR A 22 -5.53 -1.41 -2.32
N ALA A 23 -5.55 -2.16 -1.23
CA ALA A 23 -6.72 -2.97 -0.90
C ALA A 23 -7.08 -2.84 0.58
N GLY A 24 -8.01 -1.94 0.87
CA GLY A 24 -8.52 -1.77 2.22
C GLY A 24 -7.44 -1.61 3.28
N MET A 25 -7.82 -1.95 4.51
CA MET A 25 -6.91 -1.85 5.65
C MET A 25 -7.11 -3.03 6.58
N THR A 26 -6.07 -3.38 7.27
CA THR A 26 -6.09 -4.48 8.21
C THR A 26 -5.45 -4.07 9.53
N THR A 27 -6.00 -4.50 10.63
CA THR A 27 -5.39 -4.23 11.92
C THR A 27 -4.50 -5.40 12.34
N LEU A 28 -3.26 -5.10 12.68
CA LEU A 28 -2.31 -6.13 13.03
C LEU A 28 -1.98 -6.06 14.51
N GLU A 29 -1.83 -7.21 15.12
CA GLU A 29 -1.50 -7.30 16.53
C GLU A 29 -0.07 -7.81 16.68
N ALA A 30 0.85 -6.88 16.91
CA ALA A 30 2.26 -7.22 17.02
C ALA A 30 2.70 -7.23 18.47
N GLY A 31 3.89 -7.74 18.72
CA GLY A 31 4.44 -7.76 20.05
C GLY A 31 5.04 -6.42 20.41
N GLY A 32 4.19 -5.43 20.61
CA GLY A 32 4.66 -4.11 20.93
C GLY A 32 3.85 -3.04 20.23
N ILE A 33 3.64 -3.22 18.93
CA ILE A 33 2.92 -2.24 18.14
C ILE A 33 1.61 -2.83 17.66
N THR A 34 0.51 -2.36 18.19
CA THR A 34 -0.79 -2.80 17.76
C THR A 34 -1.59 -1.63 17.22
N GLY A 35 -2.26 -1.82 16.09
CA GLY A 35 -3.01 -0.72 15.51
C GLY A 35 -3.40 -0.97 14.07
N GLU A 36 -3.61 0.12 13.35
CA GLU A 36 -4.07 0.08 11.98
C GLU A 36 -2.92 -0.09 11.00
N TYR A 37 -3.13 -0.94 10.00
CA TYR A 37 -2.15 -1.18 8.98
C TYR A 37 -2.79 -1.19 7.60
N LEU A 38 -2.03 -0.70 6.66
CA LEU A 38 -2.43 -0.61 5.29
C LEU A 38 -2.28 -1.97 4.62
N MET A 39 -3.24 -2.33 3.77
CA MET A 39 -3.16 -3.58 3.04
C MET A 39 -3.00 -3.29 1.56
N LEU A 40 -1.92 -3.77 0.99
CA LEU A 40 -1.61 -3.56 -0.42
C LEU A 40 -1.48 -4.89 -1.14
N THR A 41 -1.75 -4.88 -2.43
CA THR A 41 -1.59 -6.07 -3.24
C THR A 41 -0.60 -5.84 -4.37
N TYR A 42 0.33 -6.77 -4.49
CA TYR A 42 1.30 -6.76 -5.56
C TYR A 42 1.06 -7.97 -6.46
N ALA A 43 1.97 -8.21 -7.39
CA ALA A 43 1.84 -9.35 -8.29
C ALA A 43 1.75 -10.67 -7.52
N ASN A 44 1.05 -11.63 -8.11
CA ASN A 44 0.77 -12.93 -7.48
C ASN A 44 -0.06 -12.72 -6.21
N ASP A 45 -0.82 -11.62 -6.21
CA ASP A 45 -1.71 -11.28 -5.10
C ASP A 45 -0.94 -11.26 -3.78
N ALA A 46 0.25 -10.68 -3.82
CA ALA A 46 1.08 -10.58 -2.63
C ALA A 46 0.58 -9.46 -1.73
N LYS A 47 0.46 -9.74 -0.45
CA LYS A 47 -0.08 -8.76 0.48
C LYS A 47 1.02 -7.97 1.16
N LEU A 48 0.93 -6.66 1.03
CA LEU A 48 1.85 -5.76 1.70
C LEU A 48 1.15 -5.13 2.89
N TYR A 49 1.84 -5.05 4.01
CA TYR A 49 1.29 -4.47 5.22
C TYR A 49 2.14 -3.29 5.66
N VAL A 50 1.55 -2.11 5.62
CA VAL A 50 2.26 -0.89 5.98
C VAL A 50 1.60 -0.21 7.17
N PRO A 51 2.35 0.09 8.23
CA PRO A 51 1.83 0.79 9.40
C PRO A 51 1.42 2.21 9.04
N VAL A 52 0.29 2.64 9.59
CA VAL A 52 -0.24 3.98 9.29
C VAL A 52 0.69 5.08 9.77
N SER A 53 1.67 4.71 10.58
CA SER A 53 2.66 5.65 11.07
C SER A 53 3.82 5.78 10.06
N SER A 54 3.78 4.97 9.01
CA SER A 54 4.81 5.02 7.97
C SER A 54 4.21 5.50 6.66
N LEU A 55 3.09 6.19 6.75
CA LEU A 55 2.39 6.70 5.58
C LEU A 55 3.17 7.81 4.90
N HIS A 56 4.04 8.48 5.67
CA HIS A 56 4.88 9.54 5.12
C HIS A 56 5.94 8.98 4.16
N LEU A 57 5.97 7.67 4.01
CA LEU A 57 6.87 7.01 3.07
C LEU A 57 6.14 6.62 1.79
N ILE A 58 4.82 6.54 1.88
CA ILE A 58 3.98 6.14 0.76
C ILE A 58 3.64 7.35 -0.11
N SER A 59 3.48 7.11 -1.40
CA SER A 59 3.05 8.14 -2.32
C SER A 59 2.00 7.56 -3.26
N ARG A 60 1.21 8.42 -3.86
CA ARG A 60 0.10 7.96 -4.67
C ARG A 60 0.41 8.11 -6.16
N TYR A 61 0.05 7.10 -6.92
CA TYR A 61 0.28 7.09 -8.35
C TYR A 61 -0.85 7.86 -9.04
N ALA A 62 -0.66 9.17 -9.20
CA ALA A 62 -1.68 10.00 -9.79
C ALA A 62 -1.10 10.86 -10.91
N GLY A 63 -1.73 10.80 -12.07
CA GLY A 63 -1.31 11.63 -13.19
C GLY A 63 -2.00 11.25 -14.47
N GLY A 64 -3.22 10.74 -14.35
CA GLY A 64 -3.96 10.31 -15.51
C GLY A 64 -3.55 8.93 -15.96
N ALA A 65 -2.93 8.19 -15.05
CA ALA A 65 -2.40 6.87 -15.37
C ALA A 65 -2.65 5.91 -14.21
N GLU A 66 -3.70 6.17 -13.46
CA GLU A 66 -4.03 5.36 -12.28
C GLU A 66 -4.42 3.94 -12.69
N GLU A 67 -5.18 3.83 -13.77
CA GLU A 67 -5.59 2.53 -14.29
C GLU A 67 -4.43 1.89 -15.05
N ASN A 68 -3.57 2.72 -15.59
CA ASN A 68 -2.44 2.27 -16.40
C ASN A 68 -1.20 2.08 -15.54
N ALA A 69 -1.38 2.05 -14.23
CA ALA A 69 -0.29 1.84 -13.30
C ALA A 69 0.19 0.39 -13.35
N PRO A 70 1.51 0.19 -13.45
CA PRO A 70 2.11 -1.14 -13.49
C PRO A 70 2.04 -1.84 -12.14
N LEU A 71 2.38 -3.13 -12.11
CA LEU A 71 2.29 -3.91 -10.89
C LEU A 71 3.62 -4.58 -10.57
N HIS A 72 4.19 -4.24 -9.41
CA HIS A 72 5.43 -4.86 -8.94
C HIS A 72 5.11 -6.12 -8.15
N LYS A 73 6.12 -6.93 -7.88
CA LYS A 73 5.93 -8.18 -7.16
C LYS A 73 6.72 -8.16 -5.85
N LEU A 74 6.23 -8.92 -4.86
CA LEU A 74 6.93 -9.07 -3.60
C LEU A 74 7.67 -10.40 -3.58
N GLY A 75 8.80 -10.44 -2.89
CA GLY A 75 9.61 -11.65 -2.85
C GLY A 75 9.15 -12.61 -1.78
N GLY A 76 7.97 -13.18 -1.98
CA GLY A 76 7.43 -14.12 -1.03
C GLY A 76 6.05 -14.59 -1.45
N ARG A 1 -0.49 14.59 -0.63
CA ARG A 1 -0.37 13.20 -0.14
C ARG A 1 -0.68 13.12 1.35
N ASN A 2 -1.66 12.28 1.70
CA ASN A 2 -2.01 12.06 3.09
C ASN A 2 -2.35 10.59 3.35
N LEU A 3 -2.68 9.86 2.28
CA LEU A 3 -3.10 8.46 2.38
C LEU A 3 -4.28 8.33 3.35
N ALA A 4 -4.36 7.19 4.05
CA ALA A 4 -5.41 6.91 5.03
C ALA A 4 -6.78 6.74 4.37
N GLU A 5 -7.29 7.82 3.79
CA GLU A 5 -8.57 7.81 3.11
C GLU A 5 -8.40 7.29 1.67
N LEU A 6 -7.41 6.41 1.52
CA LEU A 6 -7.09 5.81 0.24
C LEU A 6 -8.26 4.98 -0.28
N HIS A 7 -8.50 5.07 -1.58
CA HIS A 7 -9.59 4.34 -2.21
C HIS A 7 -9.14 2.95 -2.62
N ILE A 8 -10.08 2.02 -2.68
CA ILE A 8 -9.77 0.63 -2.99
C ILE A 8 -9.36 0.47 -4.44
N GLY A 9 -8.24 -0.20 -4.66
CA GLY A 9 -7.79 -0.46 -6.01
C GLY A 9 -6.93 0.65 -6.56
N GLN A 10 -6.57 1.59 -5.70
CA GLN A 10 -5.72 2.70 -6.11
C GLN A 10 -4.27 2.29 -6.18
N PRO A 11 -3.57 2.74 -7.22
CA PRO A 11 -2.13 2.49 -7.36
C PRO A 11 -1.31 3.42 -6.47
N VAL A 12 -0.52 2.82 -5.60
CA VAL A 12 0.32 3.57 -4.68
C VAL A 12 1.71 2.96 -4.63
N VAL A 13 2.70 3.79 -4.31
CA VAL A 13 4.07 3.35 -4.26
C VAL A 13 4.57 3.25 -2.83
N HIS A 14 5.38 2.23 -2.59
CA HIS A 14 6.00 2.01 -1.30
C HIS A 14 7.50 2.11 -1.47
N LEU A 15 8.12 3.03 -0.71
CA LEU A 15 9.57 3.29 -0.81
C LEU A 15 10.41 2.01 -0.68
N GLU A 16 9.80 0.96 -0.14
CA GLU A 16 10.47 -0.31 0.03
C GLU A 16 10.46 -1.12 -1.27
N HIS A 17 9.30 -1.32 -1.87
CA HIS A 17 9.19 -2.19 -3.03
C HIS A 17 8.72 -1.48 -4.28
N GLY A 18 7.76 -0.59 -4.15
CA GLY A 18 7.30 0.14 -5.33
C GLY A 18 5.79 0.21 -5.44
N VAL A 19 5.30 0.20 -6.67
CA VAL A 19 3.88 0.40 -6.94
C VAL A 19 3.06 -0.88 -6.71
N GLY A 20 1.91 -0.72 -6.06
CA GLY A 20 0.99 -1.81 -5.86
C GLY A 20 -0.45 -1.35 -5.90
N ARG A 21 -1.39 -2.24 -5.60
CA ARG A 21 -2.80 -1.88 -5.55
C ARG A 21 -3.29 -1.85 -4.12
N TYR A 22 -3.73 -0.68 -3.68
CA TYR A 22 -4.22 -0.50 -2.32
C TYR A 22 -5.50 -1.29 -2.10
N ALA A 23 -5.57 -2.01 -0.98
CA ALA A 23 -6.77 -2.75 -0.66
C ALA A 23 -7.14 -2.62 0.80
N GLY A 24 -8.07 -1.70 1.07
CA GLY A 24 -8.60 -1.53 2.41
C GLY A 24 -7.54 -1.35 3.48
N MET A 25 -7.89 -1.78 4.67
CA MET A 25 -6.97 -1.72 5.81
C MET A 25 -7.09 -2.98 6.65
N THR A 26 -5.98 -3.36 7.24
CA THR A 26 -5.92 -4.54 8.08
C THR A 26 -5.23 -4.20 9.39
N THR A 27 -5.70 -4.77 10.49
CA THR A 27 -5.08 -4.50 11.77
C THR A 27 -4.15 -5.63 12.18
N LEU A 28 -2.95 -5.25 12.57
CA LEU A 28 -1.95 -6.22 12.96
C LEU A 28 -1.68 -6.12 14.45
N GLU A 29 -1.72 -7.25 15.12
CA GLU A 29 -1.49 -7.29 16.55
C GLU A 29 -0.05 -7.67 16.83
N ALA A 30 0.64 -6.89 17.64
CA ALA A 30 2.03 -7.14 17.96
C ALA A 30 2.25 -7.07 19.46
N GLY A 31 1.83 -8.11 20.15
CA GLY A 31 1.97 -8.14 21.59
C GLY A 31 1.08 -7.10 22.25
N GLY A 32 1.68 -6.25 23.07
CA GLY A 32 0.93 -5.20 23.72
C GLY A 32 0.75 -3.99 22.84
N ILE A 33 1.50 -3.93 21.74
CA ILE A 33 1.45 -2.81 20.83
C ILE A 33 0.71 -3.20 19.57
N THR A 34 -0.49 -2.68 19.42
CA THR A 34 -1.29 -2.96 18.25
C THR A 34 -1.63 -1.66 17.53
N GLY A 35 -1.93 -1.74 16.24
CA GLY A 35 -2.23 -0.53 15.50
C GLY A 35 -2.97 -0.82 14.21
N GLU A 36 -3.23 0.24 13.46
CA GLU A 36 -3.91 0.13 12.18
C GLU A 36 -2.88 0.06 11.06
N TYR A 37 -3.10 -0.82 10.09
CA TYR A 37 -2.15 -1.02 9.03
C TYR A 37 -2.81 -1.00 7.67
N LEU A 38 -2.05 -0.51 6.73
CA LEU A 38 -2.44 -0.42 5.35
C LEU A 38 -2.26 -1.77 4.68
N MET A 39 -3.25 -2.19 3.92
CA MET A 39 -3.15 -3.45 3.20
C MET A 39 -2.97 -3.17 1.71
N LEU A 40 -1.91 -3.71 1.14
CA LEU A 40 -1.62 -3.52 -0.27
C LEU A 40 -1.50 -4.85 -0.98
N THR A 41 -1.85 -4.86 -2.25
CA THR A 41 -1.77 -6.04 -3.07
C THR A 41 -0.96 -5.77 -4.32
N TYR A 42 0.16 -6.47 -4.43
CA TYR A 42 1.03 -6.31 -5.58
C TYR A 42 0.73 -7.39 -6.61
N ALA A 43 1.62 -7.56 -7.58
CA ALA A 43 1.45 -8.59 -8.59
C ALA A 43 1.40 -9.96 -7.95
N ASN A 44 0.73 -10.90 -8.64
CA ASN A 44 0.58 -12.26 -8.14
C ASN A 44 -0.25 -12.28 -6.86
N ASP A 45 -1.00 -11.19 -6.65
CA ASP A 45 -1.80 -10.99 -5.44
C ASP A 45 -0.91 -11.08 -4.21
N ALA A 46 0.24 -10.42 -4.27
CA ALA A 46 1.18 -10.40 -3.16
C ALA A 46 0.72 -9.43 -2.08
N LYS A 47 0.95 -9.77 -0.83
CA LYS A 47 0.41 -9.00 0.28
C LYS A 47 1.46 -8.04 0.85
N LEU A 48 1.04 -6.82 1.12
CA LEU A 48 1.89 -5.83 1.75
C LEU A 48 1.16 -5.16 2.90
N TYR A 49 1.85 -4.95 4.01
CA TYR A 49 1.28 -4.23 5.15
C TYR A 49 2.16 -3.05 5.50
N VAL A 50 1.56 -1.88 5.61
CA VAL A 50 2.29 -0.67 5.95
C VAL A 50 1.67 0.01 7.16
N PRO A 51 2.47 0.35 8.17
CA PRO A 51 1.99 1.07 9.35
C PRO A 51 1.53 2.47 8.99
N VAL A 52 0.38 2.87 9.53
CA VAL A 52 -0.21 4.18 9.22
C VAL A 52 0.64 5.32 9.78
N SER A 53 1.65 4.97 10.57
CA SER A 53 2.58 5.95 11.09
C SER A 53 3.75 6.17 10.13
N SER A 54 3.78 5.38 9.06
CA SER A 54 4.83 5.48 8.06
C SER A 54 4.25 5.83 6.69
N LEU A 55 3.10 6.47 6.69
CA LEU A 55 2.40 6.82 5.46
C LEU A 55 3.18 7.82 4.61
N HIS A 56 4.11 8.54 5.23
CA HIS A 56 4.93 9.49 4.49
C HIS A 56 5.91 8.75 3.57
N LEU A 57 5.99 7.44 3.73
CA LEU A 57 6.87 6.61 2.91
C LEU A 57 6.08 6.01 1.74
N ILE A 58 4.78 6.27 1.73
CA ILE A 58 3.91 5.87 0.63
C ILE A 58 3.60 7.09 -0.24
N SER A 59 3.17 6.87 -1.47
CA SER A 59 2.72 7.94 -2.33
C SER A 59 1.78 7.39 -3.39
N ARG A 60 0.88 8.22 -3.86
CA ARG A 60 -0.08 7.77 -4.84
C ARG A 60 0.48 7.95 -6.23
N TYR A 61 0.16 7.01 -7.12
CA TYR A 61 0.65 7.06 -8.48
C TYR A 61 -0.10 8.13 -9.27
N ALA A 62 0.41 9.35 -9.20
CA ALA A 62 -0.23 10.49 -9.84
C ALA A 62 0.00 10.49 -11.34
N GLY A 63 -0.87 9.80 -12.05
CA GLY A 63 -0.84 9.81 -13.50
C GLY A 63 -2.24 9.75 -14.07
N GLY A 64 -2.43 10.29 -15.26
CA GLY A 64 -3.75 10.30 -15.87
C GLY A 64 -4.31 8.91 -16.03
N ALA A 65 -3.52 8.01 -16.61
CA ALA A 65 -3.91 6.63 -16.77
C ALA A 65 -3.61 5.84 -15.51
N GLU A 66 -4.38 6.10 -14.45
CA GLU A 66 -4.19 5.43 -13.18
C GLU A 66 -4.50 3.94 -13.28
N GLU A 67 -5.39 3.58 -14.19
CA GLU A 67 -5.76 2.19 -14.39
C GLU A 67 -4.68 1.43 -15.16
N ASN A 68 -3.79 2.18 -15.79
CA ASN A 68 -2.70 1.58 -16.57
C ASN A 68 -1.41 1.62 -15.76
N ALA A 69 -1.54 1.93 -14.47
CA ALA A 69 -0.40 1.94 -13.58
C ALA A 69 0.20 0.55 -13.45
N PRO A 70 1.54 0.46 -13.47
CA PRO A 70 2.24 -0.83 -13.43
C PRO A 70 1.99 -1.59 -12.14
N LEU A 71 2.22 -2.89 -12.17
CA LEU A 71 2.02 -3.73 -11.01
C LEU A 71 3.23 -4.63 -10.80
N HIS A 72 4.00 -4.33 -9.77
CA HIS A 72 5.23 -5.06 -9.48
C HIS A 72 4.98 -6.09 -8.39
N LYS A 73 5.91 -7.02 -8.20
CA LYS A 73 5.76 -8.03 -7.15
C LYS A 73 6.85 -7.85 -6.10
N LEU A 74 6.52 -8.16 -4.85
CA LEU A 74 7.51 -8.06 -3.77
C LEU A 74 7.90 -9.45 -3.27
N GLY A 75 8.46 -10.25 -4.16
CA GLY A 75 8.87 -11.59 -3.82
C GLY A 75 9.52 -12.28 -4.99
N GLY A 76 9.69 -13.58 -4.88
CA GLY A 76 10.30 -14.35 -5.95
C GLY A 76 11.72 -14.76 -5.62
N ARG A 1 2.24 14.05 1.51
CA ARG A 1 1.23 13.03 1.16
C ARG A 1 0.86 12.22 2.41
N ASN A 2 -0.39 12.32 2.83
CA ASN A 2 -0.90 11.45 3.87
C ASN A 2 -1.81 10.42 3.24
N LEU A 3 -1.88 9.26 3.85
CA LEU A 3 -2.66 8.17 3.29
C LEU A 3 -4.02 8.05 3.96
N ALA A 4 -4.79 9.12 3.90
CA ALA A 4 -6.14 9.12 4.45
C ALA A 4 -7.17 9.10 3.33
N GLU A 5 -6.82 9.69 2.20
CA GLU A 5 -7.71 9.77 1.06
C GLU A 5 -7.39 8.68 0.03
N LEU A 6 -6.91 7.55 0.51
CA LEU A 6 -6.56 6.43 -0.36
C LEU A 6 -7.79 5.77 -0.96
N HIS A 7 -7.75 5.59 -2.27
CA HIS A 7 -8.84 4.91 -2.97
C HIS A 7 -8.58 3.41 -2.99
N ILE A 8 -9.64 2.63 -3.04
CA ILE A 8 -9.51 1.18 -3.06
C ILE A 8 -9.18 0.69 -4.47
N GLY A 9 -8.13 -0.12 -4.57
CA GLY A 9 -7.69 -0.63 -5.85
C GLY A 9 -6.81 0.39 -6.57
N GLN A 10 -6.33 1.36 -5.80
CA GLN A 10 -5.58 2.48 -6.36
C GLN A 10 -4.11 2.14 -6.47
N PRO A 11 -3.48 2.50 -7.59
CA PRO A 11 -2.04 2.33 -7.77
C PRO A 11 -1.26 3.30 -6.88
N VAL A 12 -0.45 2.75 -6.01
CA VAL A 12 0.34 3.54 -5.09
C VAL A 12 1.81 3.13 -5.12
N VAL A 13 2.69 4.11 -5.07
CA VAL A 13 4.11 3.85 -5.11
C VAL A 13 4.61 3.65 -3.70
N HIS A 14 5.58 2.77 -3.53
CA HIS A 14 6.00 2.35 -2.22
C HIS A 14 7.51 2.29 -2.12
N LEU A 15 8.06 3.08 -1.20
CA LEU A 15 9.50 3.17 -1.00
C LEU A 15 10.11 1.81 -0.61
N GLU A 16 9.26 0.90 -0.17
CA GLU A 16 9.72 -0.42 0.23
C GLU A 16 9.88 -1.36 -0.96
N HIS A 17 8.81 -1.53 -1.73
CA HIS A 17 8.83 -2.51 -2.82
C HIS A 17 8.58 -1.90 -4.20
N GLY A 18 7.66 -0.95 -4.28
CA GLY A 18 7.34 -0.35 -5.57
C GLY A 18 5.85 -0.06 -5.72
N VAL A 19 5.41 0.14 -6.95
CA VAL A 19 4.02 0.45 -7.23
C VAL A 19 3.12 -0.77 -6.93
N GLY A 20 2.03 -0.53 -6.22
CA GLY A 20 1.12 -1.61 -5.86
C GLY A 20 -0.33 -1.19 -5.94
N ARG A 21 -1.24 -2.12 -5.64
CA ARG A 21 -2.67 -1.84 -5.64
C ARG A 21 -3.19 -1.83 -4.21
N TYR A 22 -3.52 -0.64 -3.73
CA TYR A 22 -4.00 -0.47 -2.36
C TYR A 22 -5.33 -1.18 -2.15
N ALA A 23 -5.44 -1.95 -1.08
CA ALA A 23 -6.68 -2.66 -0.81
C ALA A 23 -7.07 -2.53 0.66
N GLY A 24 -7.95 -1.58 0.93
CA GLY A 24 -8.45 -1.38 2.28
C GLY A 24 -7.37 -1.28 3.33
N MET A 25 -7.70 -1.69 4.53
CA MET A 25 -6.75 -1.69 5.63
C MET A 25 -6.93 -2.94 6.49
N THR A 26 -5.88 -3.32 7.18
CA THR A 26 -5.93 -4.46 8.06
C THR A 26 -5.33 -4.11 9.41
N THR A 27 -5.98 -4.50 10.48
CA THR A 27 -5.46 -4.25 11.80
C THR A 27 -4.69 -5.47 12.28
N LEU A 28 -3.45 -5.26 12.67
CA LEU A 28 -2.59 -6.36 13.06
C LEU A 28 -2.31 -6.30 14.55
N GLU A 29 -2.72 -7.33 15.25
CA GLU A 29 -2.49 -7.40 16.68
C GLU A 29 -1.27 -8.26 16.98
N ALA A 30 -0.60 -7.93 18.07
CA ALA A 30 0.56 -8.69 18.52
C ALA A 30 0.49 -8.86 20.03
N GLY A 31 1.38 -9.67 20.56
CA GLY A 31 1.38 -9.93 22.00
C GLY A 31 2.00 -8.79 22.78
N GLY A 32 1.37 -7.62 22.72
CA GLY A 32 1.88 -6.47 23.42
C GLY A 32 1.58 -5.17 22.69
N ILE A 33 1.90 -5.14 21.41
CA ILE A 33 1.70 -3.93 20.62
C ILE A 33 0.73 -4.19 19.47
N THR A 34 -0.35 -3.44 19.43
CA THR A 34 -1.34 -3.56 18.38
C THR A 34 -1.47 -2.25 17.62
N GLY A 35 -1.95 -2.29 16.38
CA GLY A 35 -2.08 -1.07 15.61
C GLY A 35 -2.73 -1.30 14.27
N GLU A 36 -3.03 -0.20 13.59
CA GLU A 36 -3.64 -0.27 12.25
C GLU A 36 -2.56 -0.33 11.19
N TYR A 37 -2.81 -1.11 10.15
CA TYR A 37 -1.86 -1.28 9.07
C TYR A 37 -2.52 -1.21 7.72
N LEU A 38 -1.76 -0.67 6.80
CA LEU A 38 -2.16 -0.54 5.42
C LEU A 38 -2.13 -1.91 4.75
N MET A 39 -3.13 -2.19 3.94
CA MET A 39 -3.19 -3.44 3.22
C MET A 39 -2.99 -3.18 1.73
N LEU A 40 -1.90 -3.69 1.19
CA LEU A 40 -1.60 -3.50 -0.21
C LEU A 40 -1.49 -4.83 -0.93
N THR A 41 -1.80 -4.82 -2.21
CA THR A 41 -1.73 -6.02 -3.01
C THR A 41 -0.90 -5.77 -4.26
N TYR A 42 0.11 -6.59 -4.46
CA TYR A 42 0.94 -6.49 -5.63
C TYR A 42 0.65 -7.65 -6.57
N ALA A 43 1.51 -7.85 -7.55
CA ALA A 43 1.37 -8.96 -8.48
C ALA A 43 1.42 -10.29 -7.73
N ASN A 44 0.68 -11.27 -8.23
CA ASN A 44 0.57 -12.60 -7.62
C ASN A 44 -0.10 -12.49 -6.25
N ASP A 45 -0.92 -11.45 -6.09
CA ASP A 45 -1.68 -11.22 -4.86
C ASP A 45 -0.77 -11.10 -3.64
N ALA A 46 0.44 -10.63 -3.86
CA ALA A 46 1.39 -10.44 -2.78
C ALA A 46 0.91 -9.34 -1.83
N LYS A 47 0.93 -9.63 -0.54
CA LYS A 47 0.38 -8.72 0.45
C LYS A 47 1.46 -7.84 1.07
N LEU A 48 1.14 -6.56 1.21
CA LEU A 48 2.04 -5.61 1.84
C LEU A 48 1.35 -4.96 3.03
N TYR A 49 1.99 -5.03 4.20
CA TYR A 49 1.42 -4.44 5.41
C TYR A 49 2.30 -3.30 5.89
N VAL A 50 1.75 -2.10 5.89
CA VAL A 50 2.51 -0.90 6.19
C VAL A 50 1.90 -0.14 7.35
N PRO A 51 2.69 0.15 8.38
CA PRO A 51 2.22 0.84 9.58
C PRO A 51 1.70 2.23 9.26
N VAL A 52 0.60 2.62 9.92
CA VAL A 52 -0.01 3.92 9.68
C VAL A 52 0.88 5.07 10.17
N SER A 53 1.99 4.73 10.80
CA SER A 53 2.97 5.70 11.24
C SER A 53 3.97 6.01 10.11
N SER A 54 3.94 5.20 9.06
CA SER A 54 4.90 5.34 7.97
C SER A 54 4.18 5.73 6.67
N LEU A 55 3.03 6.36 6.80
CA LEU A 55 2.18 6.65 5.64
C LEU A 55 2.73 7.80 4.79
N HIS A 56 3.57 8.65 5.37
CA HIS A 56 4.10 9.81 4.65
C HIS A 56 5.18 9.40 3.66
N LEU A 57 5.61 8.14 3.75
CA LEU A 57 6.60 7.62 2.82
C LEU A 57 5.93 7.21 1.52
N ILE A 58 4.63 6.98 1.60
CA ILE A 58 3.88 6.40 0.50
C ILE A 58 3.31 7.49 -0.41
N SER A 59 3.26 7.22 -1.70
CA SER A 59 2.70 8.16 -2.66
C SER A 59 1.77 7.42 -3.61
N ARG A 60 1.04 8.14 -4.44
CA ARG A 60 0.07 7.48 -5.32
C ARG A 60 0.20 8.01 -6.74
N TYR A 61 -0.30 7.22 -7.70
CA TYR A 61 -0.32 7.63 -9.09
C TYR A 61 -1.39 8.70 -9.30
N ALA A 62 -0.99 9.95 -9.17
CA ALA A 62 -1.89 11.07 -9.34
C ALA A 62 -2.27 11.25 -10.80
N GLY A 63 -3.53 11.00 -11.13
CA GLY A 63 -3.98 11.17 -12.49
C GLY A 63 -5.07 10.19 -12.86
N GLY A 64 -5.36 10.12 -14.15
CA GLY A 64 -6.39 9.22 -14.64
C GLY A 64 -5.83 7.91 -15.14
N ALA A 65 -4.52 7.76 -15.01
CA ALA A 65 -3.85 6.53 -15.42
C ALA A 65 -3.90 5.49 -14.30
N GLU A 66 -5.07 5.33 -13.72
CA GLU A 66 -5.26 4.44 -12.57
C GLU A 66 -5.13 2.98 -12.99
N GLU A 67 -5.88 2.61 -14.02
CA GLU A 67 -5.89 1.23 -14.47
C GLU A 67 -4.68 0.93 -15.34
N ASN A 68 -4.17 1.95 -16.00
CA ASN A 68 -3.03 1.81 -16.90
C ASN A 68 -1.72 1.66 -16.14
N ALA A 69 -1.73 2.07 -14.88
CA ALA A 69 -0.55 1.98 -14.02
C ALA A 69 -0.05 0.54 -13.91
N PRO A 70 1.28 0.36 -13.85
CA PRO A 70 1.90 -0.97 -13.74
C PRO A 70 1.83 -1.53 -12.33
N LEU A 71 2.20 -2.80 -12.18
CA LEU A 71 2.20 -3.44 -10.87
C LEU A 71 3.52 -4.13 -10.61
N HIS A 72 4.11 -3.84 -9.46
CA HIS A 72 5.34 -4.48 -9.04
C HIS A 72 5.00 -5.72 -8.21
N LYS A 73 5.97 -6.59 -7.98
CA LYS A 73 5.74 -7.74 -7.11
C LYS A 73 6.69 -7.73 -5.93
N LEU A 74 6.34 -8.44 -4.87
CA LEU A 74 7.18 -8.51 -3.69
C LEU A 74 7.19 -9.94 -3.14
N GLY A 75 8.10 -10.19 -2.22
CA GLY A 75 8.22 -11.52 -1.65
C GLY A 75 9.62 -11.77 -1.13
N GLY A 76 10.59 -11.06 -1.69
CA GLY A 76 11.96 -11.17 -1.27
C GLY A 76 12.91 -10.69 -2.34
N ARG A 1 1.90 13.67 1.68
CA ARG A 1 1.01 12.50 1.59
C ARG A 1 1.05 11.68 2.86
N ASN A 2 -0.06 11.65 3.58
CA ASN A 2 -0.18 10.87 4.80
C ASN A 2 -1.24 9.79 4.63
N LEU A 3 -1.60 9.53 3.37
CA LEU A 3 -2.61 8.51 3.04
C LEU A 3 -3.93 8.81 3.75
N ALA A 4 -4.66 7.77 4.15
CA ALA A 4 -5.99 7.90 4.77
C ALA A 4 -7.04 8.34 3.74
N GLU A 5 -6.74 9.38 2.98
CA GLU A 5 -7.59 9.82 1.88
C GLU A 5 -7.37 8.96 0.65
N LEU A 6 -7.05 7.70 0.90
CA LEU A 6 -6.81 6.72 -0.15
C LEU A 6 -8.12 6.12 -0.63
N HIS A 7 -8.11 5.65 -1.87
CA HIS A 7 -9.27 4.98 -2.44
C HIS A 7 -9.00 3.50 -2.56
N ILE A 8 -10.03 2.69 -2.42
CA ILE A 8 -9.89 1.25 -2.49
C ILE A 8 -9.67 0.82 -3.93
N GLY A 9 -8.71 -0.06 -4.14
CA GLY A 9 -8.42 -0.54 -5.49
C GLY A 9 -7.69 0.51 -6.30
N GLN A 10 -6.92 1.34 -5.61
CA GLN A 10 -6.22 2.44 -6.24
C GLN A 10 -4.72 2.15 -6.31
N PRO A 11 -4.06 2.53 -7.43
CA PRO A 11 -2.62 2.38 -7.56
C PRO A 11 -1.84 3.37 -6.69
N VAL A 12 -0.88 2.85 -5.94
CA VAL A 12 -0.01 3.68 -5.11
C VAL A 12 1.41 3.15 -5.18
N VAL A 13 2.36 3.88 -4.61
CA VAL A 13 3.75 3.45 -4.61
C VAL A 13 4.30 3.35 -3.19
N HIS A 14 5.15 2.35 -2.99
CA HIS A 14 5.77 2.11 -1.71
C HIS A 14 7.27 2.32 -1.84
N LEU A 15 7.83 3.19 -1.00
CA LEU A 15 9.25 3.55 -1.04
C LEU A 15 10.17 2.33 -0.95
N GLU A 16 9.61 1.19 -0.54
CA GLU A 16 10.36 -0.05 -0.44
C GLU A 16 10.41 -0.81 -1.77
N HIS A 17 9.25 -1.10 -2.36
CA HIS A 17 9.20 -1.93 -3.57
C HIS A 17 8.60 -1.22 -4.77
N GLY A 18 7.74 -0.24 -4.56
CA GLY A 18 7.25 0.55 -5.67
C GLY A 18 5.75 0.43 -5.87
N VAL A 19 5.34 0.50 -7.14
CA VAL A 19 3.92 0.52 -7.51
C VAL A 19 3.17 -0.71 -7.04
N GLY A 20 2.04 -0.46 -6.39
CA GLY A 20 1.18 -1.53 -5.91
C GLY A 20 -0.28 -1.12 -5.94
N ARG A 21 -1.18 -2.05 -5.62
CA ARG A 21 -2.60 -1.77 -5.64
C ARG A 21 -3.16 -1.75 -4.22
N TYR A 22 -3.72 -0.63 -3.83
CA TYR A 22 -4.22 -0.43 -2.47
C TYR A 22 -5.52 -1.20 -2.25
N ALA A 23 -5.60 -1.90 -1.12
CA ALA A 23 -6.81 -2.64 -0.78
C ALA A 23 -7.16 -2.51 0.70
N GLY A 24 -8.06 -1.58 1.02
CA GLY A 24 -8.55 -1.43 2.38
C GLY A 24 -7.45 -1.30 3.43
N MET A 25 -7.78 -1.67 4.66
CA MET A 25 -6.87 -1.58 5.79
C MET A 25 -7.09 -2.73 6.75
N THR A 26 -6.02 -3.13 7.41
CA THR A 26 -6.06 -4.22 8.37
C THR A 26 -5.33 -3.82 9.65
N THR A 27 -5.86 -4.17 10.80
CA THR A 27 -5.20 -3.86 12.06
C THR A 27 -4.40 -5.07 12.53
N LEU A 28 -3.13 -4.85 12.84
CA LEU A 28 -2.26 -5.95 13.22
C LEU A 28 -1.89 -5.84 14.69
N GLU A 29 -2.42 -6.76 15.48
CA GLU A 29 -2.08 -6.84 16.89
C GLU A 29 -0.98 -7.86 17.09
N ALA A 30 0.25 -7.39 17.18
CA ALA A 30 1.38 -8.27 17.37
C ALA A 30 1.82 -8.25 18.82
N GLY A 31 2.57 -9.27 19.22
CA GLY A 31 3.04 -9.35 20.59
C GLY A 31 4.16 -8.37 20.88
N GLY A 32 3.82 -7.10 20.91
CA GLY A 32 4.80 -6.07 21.15
C GLY A 32 4.49 -4.80 20.38
N ILE A 33 4.24 -4.95 19.08
CA ILE A 33 3.95 -3.82 18.23
C ILE A 33 2.55 -3.94 17.63
N THR A 34 1.65 -3.11 18.11
CA THR A 34 0.28 -3.15 17.64
C THR A 34 -0.04 -1.84 16.92
N GLY A 35 -1.05 -1.86 16.06
CA GLY A 35 -1.41 -0.65 15.37
C GLY A 35 -2.20 -0.90 14.10
N GLU A 36 -2.57 0.17 13.43
CA GLU A 36 -3.32 0.09 12.20
C GLU A 36 -2.39 -0.03 11.02
N TYR A 37 -2.73 -0.91 10.09
CA TYR A 37 -1.93 -1.14 8.90
C TYR A 37 -2.82 -1.07 7.66
N LEU A 38 -2.22 -0.88 6.52
CA LEU A 38 -2.93 -0.91 5.27
C LEU A 38 -2.63 -2.21 4.55
N MET A 39 -3.57 -2.65 3.74
CA MET A 39 -3.38 -3.86 2.95
C MET A 39 -3.14 -3.49 1.49
N LEU A 40 -1.93 -3.72 1.02
CA LEU A 40 -1.61 -3.49 -0.38
C LEU A 40 -1.48 -4.81 -1.11
N THR A 41 -1.85 -4.81 -2.38
CA THR A 41 -1.75 -6.00 -3.20
C THR A 41 -0.83 -5.76 -4.38
N TYR A 42 0.16 -6.61 -4.51
CA TYR A 42 1.12 -6.54 -5.60
C TYR A 42 0.93 -7.72 -6.54
N ALA A 43 1.94 -8.00 -7.36
CA ALA A 43 1.90 -9.11 -8.30
C ALA A 43 1.65 -10.44 -7.58
N ASN A 44 0.92 -11.33 -8.24
CA ASN A 44 0.56 -12.64 -7.68
C ASN A 44 -0.27 -12.45 -6.41
N ASP A 45 -0.99 -11.32 -6.34
CA ASP A 45 -1.82 -10.98 -5.19
C ASP A 45 -1.01 -10.96 -3.91
N ALA A 46 0.23 -10.47 -4.01
CA ALA A 46 1.11 -10.41 -2.87
C ALA A 46 0.62 -9.37 -1.87
N LYS A 47 0.58 -9.76 -0.60
CA LYS A 47 0.00 -8.91 0.44
C LYS A 47 1.06 -8.08 1.13
N LEU A 48 0.94 -6.76 1.00
CA LEU A 48 1.83 -5.83 1.69
C LEU A 48 1.12 -5.19 2.85
N TYR A 49 1.80 -5.07 3.98
CA TYR A 49 1.23 -4.46 5.16
C TYR A 49 2.05 -3.26 5.59
N VAL A 50 1.42 -2.10 5.54
CA VAL A 50 2.09 -0.85 5.89
C VAL A 50 1.37 -0.16 7.03
N PRO A 51 2.09 0.17 8.10
CA PRO A 51 1.51 0.78 9.30
C PRO A 51 1.13 2.24 9.07
N VAL A 52 0.10 2.68 9.77
CA VAL A 52 -0.38 4.05 9.66
C VAL A 52 0.64 5.06 10.19
N SER A 53 1.73 4.56 10.75
CA SER A 53 2.81 5.40 11.20
C SER A 53 3.87 5.58 10.11
N SER A 54 3.68 4.87 9.00
CA SER A 54 4.59 4.97 7.87
C SER A 54 3.83 5.38 6.60
N LEU A 55 2.70 6.05 6.80
CA LEU A 55 1.85 6.47 5.68
C LEU A 55 2.56 7.50 4.81
N HIS A 56 3.48 8.24 5.41
CA HIS A 56 4.19 9.29 4.69
C HIS A 56 5.23 8.70 3.75
N LEU A 57 5.43 7.38 3.84
CA LEU A 57 6.37 6.69 2.97
C LEU A 57 5.66 6.15 1.73
N ILE A 58 4.34 6.23 1.73
CA ILE A 58 3.55 5.83 0.58
C ILE A 58 3.17 7.05 -0.25
N SER A 59 3.22 6.90 -1.57
CA SER A 59 2.83 7.97 -2.46
C SER A 59 1.74 7.52 -3.38
N ARG A 60 0.88 8.45 -3.74
CA ARG A 60 -0.28 8.17 -4.54
C ARG A 60 0.05 8.26 -6.02
N TYR A 61 -0.31 7.22 -6.76
CA TYR A 61 -0.03 7.16 -8.19
C TYR A 61 -1.02 8.06 -8.93
N ALA A 62 -0.64 9.32 -9.07
CA ALA A 62 -1.50 10.29 -9.74
C ALA A 62 -1.22 10.34 -11.24
N GLY A 63 -2.00 11.14 -11.95
CA GLY A 63 -1.84 11.24 -13.37
C GLY A 63 -3.05 10.73 -14.11
N GLY A 64 -3.07 10.93 -15.42
CA GLY A 64 -4.20 10.50 -16.22
C GLY A 64 -4.27 9.00 -16.35
N ALA A 65 -3.18 8.39 -16.79
CA ALA A 65 -3.13 6.95 -17.00
C ALA A 65 -2.80 6.21 -15.71
N GLU A 66 -3.74 6.24 -14.76
CA GLU A 66 -3.56 5.56 -13.48
C GLU A 66 -3.59 4.05 -13.66
N GLU A 67 -4.25 3.60 -14.73
CA GLU A 67 -4.35 2.17 -15.01
C GLU A 67 -3.04 1.65 -15.60
N ASN A 68 -2.16 2.57 -15.98
CA ASN A 68 -0.87 2.21 -16.55
C ASN A 68 0.14 1.88 -15.44
N ALA A 69 -0.38 1.68 -14.24
CA ALA A 69 0.44 1.31 -13.10
C ALA A 69 0.87 -0.15 -13.20
N PRO A 70 2.17 -0.41 -13.23
CA PRO A 70 2.71 -1.76 -13.31
C PRO A 70 2.78 -2.43 -11.94
N LEU A 71 2.39 -3.69 -11.88
CA LEU A 71 2.39 -4.43 -10.64
C LEU A 71 3.76 -4.96 -10.32
N HIS A 72 4.36 -4.41 -9.28
CA HIS A 72 5.64 -4.91 -8.78
C HIS A 72 5.38 -6.13 -7.90
N LYS A 73 6.43 -6.85 -7.59
CA LYS A 73 6.30 -8.04 -6.76
C LYS A 73 6.82 -7.76 -5.36
N LEU A 74 6.51 -8.65 -4.42
CA LEU A 74 7.04 -8.54 -3.07
C LEU A 74 8.03 -9.66 -2.81
N GLY A 75 8.98 -9.42 -1.94
CA GLY A 75 10.03 -10.38 -1.69
C GLY A 75 11.33 -9.95 -2.32
N GLY A 76 11.63 -10.48 -3.51
CA GLY A 76 12.83 -10.12 -4.21
C GLY A 76 13.07 -11.00 -5.41
N ARG A 1 2.53 12.47 2.54
CA ARG A 1 1.05 12.50 2.53
C ARG A 1 0.52 11.52 3.57
N ASN A 2 -0.67 11.77 4.07
CA ASN A 2 -1.21 11.00 5.19
C ASN A 2 -2.09 9.84 4.74
N LEU A 3 -2.21 9.66 3.42
CA LEU A 3 -2.94 8.52 2.84
C LEU A 3 -4.38 8.45 3.37
N ALA A 4 -4.94 9.59 3.73
CA ALA A 4 -6.27 9.65 4.29
C ALA A 4 -7.32 9.64 3.19
N GLU A 5 -6.94 10.11 2.01
CA GLU A 5 -7.84 10.17 0.87
C GLU A 5 -7.59 9.01 -0.08
N LEU A 6 -7.16 7.89 0.47
CA LEU A 6 -6.91 6.69 -0.32
C LEU A 6 -8.21 6.05 -0.78
N HIS A 7 -8.14 5.37 -1.91
CA HIS A 7 -9.29 4.68 -2.47
C HIS A 7 -8.98 3.20 -2.65
N ILE A 8 -10.00 2.38 -2.59
CA ILE A 8 -9.83 0.94 -2.71
C ILE A 8 -9.59 0.55 -4.15
N GLY A 9 -8.57 -0.27 -4.38
CA GLY A 9 -8.26 -0.68 -5.73
C GLY A 9 -7.55 0.42 -6.50
N GLN A 10 -6.86 1.27 -5.78
CA GLN A 10 -6.13 2.38 -6.38
C GLN A 10 -4.63 2.10 -6.35
N PRO A 11 -3.92 2.33 -7.46
CA PRO A 11 -2.47 2.19 -7.51
C PRO A 11 -1.76 3.24 -6.66
N VAL A 12 -0.94 2.78 -5.74
CA VAL A 12 -0.16 3.66 -4.88
C VAL A 12 1.28 3.17 -4.84
N VAL A 13 2.20 4.06 -4.52
CA VAL A 13 3.61 3.72 -4.53
C VAL A 13 4.17 3.52 -3.13
N HIS A 14 4.99 2.49 -3.01
CA HIS A 14 5.69 2.17 -1.79
C HIS A 14 7.17 2.43 -2.01
N LEU A 15 7.76 3.29 -1.19
CA LEU A 15 9.16 3.70 -1.35
C LEU A 15 10.11 2.50 -1.45
N GLU A 16 9.66 1.33 -0.99
CA GLU A 16 10.46 0.13 -1.01
C GLU A 16 10.38 -0.58 -2.36
N HIS A 17 9.17 -0.90 -2.82
CA HIS A 17 9.00 -1.74 -4.00
C HIS A 17 8.31 -1.03 -5.16
N GLY A 18 7.65 0.08 -4.86
CA GLY A 18 7.09 0.88 -5.93
C GLY A 18 5.58 0.79 -6.01
N VAL A 19 5.07 0.96 -7.22
CA VAL A 19 3.63 0.96 -7.47
C VAL A 19 2.98 -0.40 -7.18
N GLY A 20 1.87 -0.33 -6.46
CA GLY A 20 1.10 -1.52 -6.14
C GLY A 20 -0.39 -1.22 -6.08
N ARG A 21 -1.19 -2.20 -5.70
CA ARG A 21 -2.64 -2.01 -5.63
C ARG A 21 -3.11 -1.91 -4.19
N TYR A 22 -3.67 -0.76 -3.83
CA TYR A 22 -4.16 -0.54 -2.47
C TYR A 22 -5.44 -1.33 -2.23
N ALA A 23 -5.51 -2.04 -1.12
CA ALA A 23 -6.70 -2.81 -0.80
C ALA A 23 -7.08 -2.65 0.67
N GLY A 24 -8.01 -1.73 0.93
CA GLY A 24 -8.54 -1.52 2.27
C GLY A 24 -7.46 -1.35 3.33
N MET A 25 -7.80 -1.74 4.54
CA MET A 25 -6.90 -1.67 5.67
C MET A 25 -7.00 -2.93 6.51
N THR A 26 -5.90 -3.26 7.17
CA THR A 26 -5.84 -4.46 7.99
C THR A 26 -5.22 -4.13 9.35
N THR A 27 -5.83 -4.61 10.41
CA THR A 27 -5.31 -4.37 11.74
C THR A 27 -4.51 -5.58 12.20
N LEU A 28 -3.26 -5.35 12.55
CA LEU A 28 -2.38 -6.44 12.96
C LEU A 28 -2.08 -6.32 14.44
N GLU A 29 -2.59 -7.25 15.22
CA GLU A 29 -2.33 -7.26 16.64
C GLU A 29 -1.31 -8.32 16.97
N ALA A 30 -0.06 -7.89 17.10
CA ALA A 30 1.04 -8.79 17.38
C ALA A 30 1.28 -8.88 18.88
N GLY A 31 2.19 -9.76 19.27
CA GLY A 31 2.54 -9.91 20.68
C GLY A 31 3.49 -8.83 21.13
N GLY A 32 3.02 -7.59 21.08
CA GLY A 32 3.83 -6.46 21.46
C GLY A 32 3.50 -5.23 20.63
N ILE A 33 3.50 -5.40 19.30
CA ILE A 33 3.19 -4.30 18.40
C ILE A 33 1.81 -4.47 17.80
N THR A 34 0.87 -3.67 18.25
CA THR A 34 -0.49 -3.71 17.75
C THR A 34 -0.88 -2.33 17.21
N GLY A 35 -1.68 -2.30 16.15
CA GLY A 35 -2.10 -1.02 15.61
C GLY A 35 -2.69 -1.13 14.22
N GLU A 36 -2.87 0.01 13.58
CA GLU A 36 -3.47 0.08 12.26
C GLU A 36 -2.44 -0.09 11.17
N TYR A 37 -2.79 -0.86 10.15
CA TYR A 37 -1.92 -1.05 9.00
C TYR A 37 -2.73 -0.98 7.72
N LEU A 38 -2.13 -0.51 6.66
CA LEU A 38 -2.79 -0.50 5.38
C LEU A 38 -2.47 -1.80 4.66
N MET A 39 -3.38 -2.23 3.81
CA MET A 39 -3.15 -3.45 3.06
C MET A 39 -2.98 -3.14 1.58
N LEU A 40 -1.80 -3.42 1.07
CA LEU A 40 -1.56 -3.35 -0.35
C LEU A 40 -1.48 -4.76 -0.93
N THR A 41 -1.70 -4.86 -2.22
CA THR A 41 -1.57 -6.11 -2.93
C THR A 41 -0.76 -5.91 -4.18
N TYR A 42 0.28 -6.70 -4.34
CA TYR A 42 1.11 -6.65 -5.52
C TYR A 42 0.83 -7.85 -6.40
N ALA A 43 1.68 -8.09 -7.39
CA ALA A 43 1.53 -9.25 -8.24
C ALA A 43 1.60 -10.54 -7.44
N ASN A 44 0.93 -11.57 -7.94
CA ASN A 44 0.91 -12.88 -7.29
C ASN A 44 0.23 -12.80 -5.93
N ASP A 45 -0.70 -11.85 -5.82
CA ASP A 45 -1.47 -11.62 -4.59
C ASP A 45 -0.56 -11.42 -3.38
N ALA A 46 0.56 -10.75 -3.61
CA ALA A 46 1.50 -10.46 -2.54
C ALA A 46 0.88 -9.49 -1.56
N LYS A 47 0.93 -9.84 -0.28
CA LYS A 47 0.27 -9.07 0.76
C LYS A 47 1.21 -8.05 1.37
N LEU A 48 0.86 -6.80 1.24
CA LEU A 48 1.65 -5.71 1.77
C LEU A 48 0.99 -5.16 3.03
N TYR A 49 1.80 -4.96 4.06
CA TYR A 49 1.33 -4.31 5.28
C TYR A 49 2.20 -3.10 5.57
N VAL A 50 1.56 -1.95 5.70
CA VAL A 50 2.26 -0.72 6.03
C VAL A 50 1.63 -0.03 7.23
N PRO A 51 2.43 0.31 8.24
CA PRO A 51 1.96 0.96 9.46
C PRO A 51 1.57 2.40 9.20
N VAL A 52 0.53 2.86 9.89
CA VAL A 52 0.02 4.21 9.73
C VAL A 52 1.00 5.25 10.26
N SER A 53 2.05 4.79 10.92
CA SER A 53 3.10 5.67 11.40
C SER A 53 4.14 5.94 10.31
N SER A 54 4.10 5.13 9.26
CA SER A 54 5.08 5.25 8.17
C SER A 54 4.38 5.65 6.87
N LEU A 55 3.24 6.31 6.99
CA LEU A 55 2.44 6.70 5.84
C LEU A 55 3.19 7.65 4.92
N HIS A 56 4.09 8.45 5.49
CA HIS A 56 4.84 9.43 4.71
C HIS A 56 5.76 8.76 3.67
N LEU A 57 5.75 7.44 3.64
CA LEU A 57 6.56 6.68 2.70
C LEU A 57 5.70 6.12 1.56
N ILE A 58 4.39 6.33 1.66
CA ILE A 58 3.46 5.94 0.60
C ILE A 58 2.93 7.17 -0.13
N SER A 59 2.60 7.01 -1.39
CA SER A 59 2.00 8.10 -2.16
C SER A 59 1.12 7.55 -3.26
N ARG A 60 0.13 8.34 -3.63
CA ARG A 60 -0.83 7.96 -4.64
C ARG A 60 -0.19 8.11 -6.02
N TYR A 61 -0.40 7.10 -6.86
CA TYR A 61 0.23 7.07 -8.18
C TYR A 61 -0.10 8.32 -8.98
N ALA A 62 0.91 9.16 -9.18
CA ALA A 62 0.76 10.36 -9.96
C ALA A 62 1.54 10.24 -11.26
N GLY A 63 0.83 10.01 -12.35
CA GLY A 63 1.49 9.84 -13.63
C GLY A 63 0.57 10.19 -14.78
N GLY A 64 0.71 9.47 -15.89
CA GLY A 64 -0.11 9.74 -17.05
C GLY A 64 -1.53 9.27 -16.85
N ALA A 65 -1.68 8.01 -16.49
CA ALA A 65 -2.98 7.42 -16.23
C ALA A 65 -2.86 6.36 -15.15
N GLU A 66 -3.79 6.36 -14.21
CA GLU A 66 -3.77 5.42 -13.10
C GLU A 66 -4.10 4.01 -13.58
N GLU A 67 -4.80 3.90 -14.70
CA GLU A 67 -5.13 2.60 -15.28
C GLU A 67 -3.95 2.08 -16.09
N ASN A 68 -2.95 2.93 -16.28
CA ASN A 68 -1.73 2.56 -17.00
C ASN A 68 -0.64 2.17 -16.01
N ALA A 69 -1.05 1.96 -14.77
CA ALA A 69 -0.11 1.60 -13.70
C ALA A 69 0.34 0.16 -13.83
N PRO A 70 1.65 -0.09 -13.70
CA PRO A 70 2.22 -1.44 -13.72
C PRO A 70 2.06 -2.13 -12.37
N LEU A 71 2.37 -3.42 -12.32
CA LEU A 71 2.18 -4.19 -11.09
C LEU A 71 3.45 -4.93 -10.70
N HIS A 72 4.09 -4.43 -9.65
CA HIS A 72 5.33 -5.03 -9.12
C HIS A 72 4.98 -6.15 -8.15
N LYS A 73 5.98 -6.94 -7.76
CA LYS A 73 5.78 -7.99 -6.76
C LYS A 73 6.77 -7.84 -5.62
N LEU A 74 6.37 -8.27 -4.42
CA LEU A 74 7.25 -8.23 -3.26
C LEU A 74 7.13 -9.51 -2.45
N GLY A 75 7.95 -9.64 -1.41
CA GLY A 75 7.93 -10.84 -0.60
C GLY A 75 8.54 -10.62 0.76
N GLY A 76 7.90 -9.78 1.57
CA GLY A 76 8.38 -9.52 2.90
C GLY A 76 7.25 -9.08 3.81
#